data_7BU0
#
_entry.id   7BU0
#
_cell.length_a   66.930
_cell.length_b   119.230
_cell.length_c   84.530
_cell.angle_alpha   90.000
_cell.angle_beta   98.310
_cell.angle_gamma   90.000
#
_symmetry.space_group_name_H-M   'P 1 21 1'
#
loop_
_entity.id
_entity.type
_entity.pdbx_description
1 polymer 'Uncharacterized protein'
2 polymer Polyubiquitin-B
3 non-polymer prop-2-en-1-amine
4 water water
#
loop_
_entity_poly.entity_id
_entity_poly.type
_entity_poly.pdbx_seq_one_letter_code
_entity_poly.pdbx_strand_id
1 'polypeptide(L)'
;MVRVLNLQKGVNMFNVDNSGKGNCLYYAYSISLMYYLRAKNNVKITEDIFNKLGLKEEDRARLRKLLSKDPDRAFTRDEI
KTIIEPILGRATRDLAAEHTKVEFKSSPHDTPLFSSLHYAVEFGFKRSLQINESELTLLIDNDFSNPDYTEAEIYKVSGL
LDALQEYILTRTPSVIEEFNRQWENKKQELKEQSLTEKEIQVHQATILDNILRKETIDFLLAENEKHLDEYREHLRREFV
WGSEETLMVLHRAIQGERMVRNHEGRIEPVYDHEIILHVHRNGASPSYQAGSPEMILNNEGNVHWTSIIPDAIFTSKLTD
KEEKLLDMLERMQSEYGSKELGVEKYSSISDWLSDLMKQIELIKTSPTAVTKQKEIELFFQLLAKATPKLASEPALRMSL
GTLFSNFLECIPALMVENKL
;
A,B
2 'polypeptide(L)' MQIFVKTLTGKTITLEVEPSDTIENVKAKIQDKEGIPPDQQRLIFAGKQLEDGRTLSDYNIQKESTLHLVLRLRG C,D
#
loop_
_chem_comp.id
_chem_comp.type
_chem_comp.name
_chem_comp.formula
AYE non-polymer prop-2-en-1-amine 'C3 H7 N'
#
# COMPACT_ATOMS: atom_id res chain seq x y z
N VAL A 11 -2.25 -31.60 14.66
CA VAL A 11 -2.26 -30.36 15.44
C VAL A 11 -2.85 -29.21 14.63
N ASN A 12 -4.15 -28.97 14.83
CA ASN A 12 -4.93 -27.95 14.12
C ASN A 12 -4.45 -27.83 12.68
N MET A 13 -4.74 -28.85 11.88
CA MET A 13 -4.17 -28.96 10.54
C MET A 13 -5.21 -29.17 9.44
N PHE A 14 -6.48 -28.88 9.70
CA PHE A 14 -7.48 -29.14 8.68
C PHE A 14 -7.27 -28.23 7.48
N ASN A 15 -7.43 -26.92 7.68
CA ASN A 15 -7.37 -25.91 6.62
C ASN A 15 -8.55 -26.02 5.67
N VAL A 16 -9.21 -24.91 5.40
CA VAL A 16 -10.34 -24.83 4.48
C VAL A 16 -10.20 -23.55 3.66
N ASP A 17 -10.20 -23.68 2.34
CA ASP A 17 -10.00 -22.51 1.49
C ASP A 17 -11.34 -21.85 1.19
N ASN A 18 -11.30 -20.72 0.47
CA ASN A 18 -12.50 -20.02 0.06
C ASN A 18 -12.32 -19.48 -1.35
N SER A 19 -13.39 -18.88 -1.90
CA SER A 19 -13.36 -18.39 -3.28
C SER A 19 -12.70 -17.02 -3.41
N GLY A 20 -12.27 -16.41 -2.30
CA GLY A 20 -12.12 -14.96 -2.22
C GLY A 20 -11.56 -14.19 -3.40
N LYS A 21 -12.38 -13.29 -3.93
CA LYS A 21 -11.99 -12.29 -4.93
C LYS A 21 -11.76 -10.95 -4.26
N GLY A 22 -11.08 -10.97 -3.12
CA GLY A 22 -10.88 -9.79 -2.30
C GLY A 22 -11.69 -9.84 -1.03
N ASN A 23 -12.53 -10.83 -0.91
CA ASN A 23 -13.39 -11.03 0.22
C ASN A 23 -12.91 -12.12 1.15
N CYS A 24 -11.70 -12.55 0.98
CA CYS A 24 -11.16 -13.59 1.77
C CYS A 24 -11.19 -13.49 3.24
N LEU A 25 -11.02 -12.34 3.82
CA LEU A 25 -11.02 -12.23 5.24
C LEU A 25 -12.34 -12.57 5.80
N TYR A 26 -13.36 -12.09 5.19
CA TYR A 26 -14.72 -12.29 5.66
C TYR A 26 -15.26 -13.68 5.32
N TYR A 27 -14.92 -14.21 4.14
CA TYR A 27 -15.23 -15.60 3.86
C TYR A 27 -14.57 -16.53 4.87
N ALA A 28 -13.27 -16.34 5.10
CA ALA A 28 -12.54 -17.20 6.03
C ALA A 28 -13.07 -17.06 7.44
N TYR A 29 -13.37 -15.83 7.86
CA TYR A 29 -13.98 -15.64 9.17
C TYR A 29 -15.32 -16.37 9.25
N SER A 30 -16.13 -16.30 8.18
CA SER A 30 -17.45 -16.90 8.23
C SER A 30 -17.37 -18.41 8.34
N ILE A 31 -16.47 -19.02 7.57
CA ILE A 31 -16.28 -20.47 7.62
C ILE A 31 -15.79 -20.89 9.00
N SER A 32 -14.77 -20.20 9.51
CA SER A 32 -14.27 -20.48 10.85
C SER A 32 -15.37 -20.35 11.89
N LEU A 33 -16.25 -19.35 11.72
CA LEU A 33 -17.32 -19.14 12.70
C LEU A 33 -18.38 -20.23 12.64
N MET A 34 -18.77 -20.64 11.42
CA MET A 34 -19.83 -21.64 11.31
C MET A 34 -19.37 -22.99 11.85
N TYR A 35 -18.10 -23.33 11.67
CA TYR A 35 -17.56 -24.51 12.32
C TYR A 35 -17.61 -24.36 13.83
N TYR A 36 -17.29 -23.17 14.35
CA TYR A 36 -17.36 -22.93 15.78
C TYR A 36 -18.80 -23.06 16.28
N LEU A 37 -19.73 -22.38 15.59
CA LEU A 37 -21.12 -22.39 16.04
C LEU A 37 -21.71 -23.79 16.05
N ARG A 38 -21.30 -24.64 15.10
CA ARG A 38 -21.81 -26.01 15.12
C ARG A 38 -21.23 -26.81 16.28
N ALA A 39 -19.95 -26.57 16.61
CA ALA A 39 -19.35 -27.28 17.74
C ALA A 39 -19.97 -26.82 19.05
N LYS A 40 -20.14 -25.51 19.21
CA LYS A 40 -20.85 -24.95 20.37
C LYS A 40 -22.34 -25.02 20.04
N ASN A 41 -22.95 -26.15 20.39
CA ASN A 41 -24.30 -26.52 19.96
C ASN A 41 -25.36 -25.55 20.48
N ASN A 42 -24.93 -24.56 21.26
CA ASN A 42 -25.83 -23.64 21.93
C ASN A 42 -26.65 -22.80 20.96
N VAL A 43 -27.98 -22.82 21.15
CA VAL A 43 -28.90 -22.10 20.28
C VAL A 43 -28.98 -20.62 20.63
N LYS A 44 -28.65 -20.21 21.86
CA LYS A 44 -28.71 -18.79 22.18
C LYS A 44 -27.43 -18.07 21.82
N ILE A 45 -26.30 -18.77 21.77
CA ILE A 45 -25.10 -18.23 21.14
C ILE A 45 -25.34 -18.02 19.65
N THR A 46 -25.89 -19.03 18.98
CA THR A 46 -26.12 -18.95 17.54
C THR A 46 -27.03 -17.78 17.17
N GLU A 47 -28.17 -17.66 17.87
CA GLU A 47 -29.12 -16.60 17.53
C GLU A 47 -28.61 -15.23 17.95
N ASP A 48 -27.80 -15.16 19.00
CA ASP A 48 -27.25 -13.87 19.42
C ASP A 48 -26.24 -13.35 18.41
N ILE A 49 -25.40 -14.24 17.88
CA ILE A 49 -24.48 -13.85 16.81
C ILE A 49 -25.26 -13.39 15.58
N PHE A 50 -26.32 -14.12 15.24
CA PHE A 50 -27.16 -13.74 14.11
C PHE A 50 -27.78 -12.36 14.31
N ASN A 51 -28.18 -12.04 15.55
CA ASN A 51 -28.73 -10.72 15.82
C ASN A 51 -27.67 -9.64 15.60
N LYS A 52 -26.45 -9.87 16.07
CA LYS A 52 -25.37 -8.91 15.85
C LYS A 52 -25.09 -8.72 14.36
N LEU A 53 -25.22 -9.78 13.57
CA LEU A 53 -25.01 -9.68 12.13
C LEU A 53 -26.24 -9.19 11.38
N GLY A 54 -27.36 -8.96 12.07
CA GLY A 54 -28.55 -8.43 11.41
C GLY A 54 -29.15 -9.32 10.35
N LEU A 55 -29.00 -10.63 10.49
CA LEU A 55 -29.46 -11.55 9.45
C LEU A 55 -31.00 -11.58 9.44
N LYS A 56 -31.56 -11.57 8.23
CA LYS A 56 -33.00 -11.78 8.11
C LYS A 56 -33.33 -13.26 8.30
N GLU A 57 -34.61 -13.55 8.49
CA GLU A 57 -35.00 -14.88 8.96
C GLU A 57 -34.75 -15.96 7.92
N GLU A 58 -34.97 -15.68 6.63
CA GLU A 58 -34.73 -16.74 5.66
C GLU A 58 -33.25 -17.09 5.59
N ASP A 59 -32.37 -16.10 5.77
CA ASP A 59 -30.95 -16.39 5.83
C ASP A 59 -30.60 -17.20 7.08
N ARG A 60 -31.23 -16.88 8.21
CA ARG A 60 -31.01 -17.66 9.43
C ARG A 60 -31.44 -19.10 9.24
N ALA A 61 -32.53 -19.32 8.50
CA ALA A 61 -33.03 -20.67 8.26
C ALA A 61 -32.00 -21.49 7.49
N ARG A 62 -31.46 -20.92 6.40
CA ARG A 62 -30.45 -21.63 5.61
C ARG A 62 -29.23 -21.98 6.44
N LEU A 63 -28.76 -21.06 7.27
CA LEU A 63 -27.56 -21.32 8.08
C LEU A 63 -27.84 -22.33 9.19
N ARG A 64 -29.03 -22.26 9.79
CA ARG A 64 -29.39 -23.24 10.82
C ARG A 64 -29.45 -24.64 10.26
N LYS A 65 -29.88 -24.78 9.00
CA LYS A 65 -29.89 -26.10 8.37
C LYS A 65 -28.48 -26.64 8.19
N LEU A 66 -27.52 -25.75 7.91
CA LEU A 66 -26.12 -26.17 7.82
C LEU A 66 -25.56 -26.56 9.18
N LEU A 67 -25.94 -25.83 10.23
CA LEU A 67 -25.43 -26.17 11.56
C LEU A 67 -26.02 -27.46 12.09
N SER A 68 -27.18 -27.89 11.58
CA SER A 68 -27.76 -29.18 11.93
C SER A 68 -26.98 -30.35 11.34
N LYS A 69 -26.09 -30.10 10.39
CA LYS A 69 -25.39 -31.18 9.70
C LYS A 69 -24.53 -31.96 10.68
N ASP A 70 -24.46 -33.29 10.46
CA ASP A 70 -23.71 -34.24 11.29
C ASP A 70 -22.35 -33.65 11.67
N PRO A 71 -22.08 -33.47 12.97
CA PRO A 71 -20.86 -32.76 13.38
C PRO A 71 -19.57 -33.47 12.99
N ASP A 72 -19.64 -34.71 12.49
CA ASP A 72 -18.46 -35.44 12.06
C ASP A 72 -18.24 -35.36 10.56
N ARG A 73 -19.04 -34.55 9.86
CA ARG A 73 -18.91 -34.37 8.42
C ARG A 73 -18.68 -32.90 8.12
N ALA A 74 -17.66 -32.62 7.32
CA ALA A 74 -17.29 -31.25 7.00
C ALA A 74 -18.34 -30.63 6.07
N PHE A 75 -18.35 -29.30 6.05
CA PHE A 75 -19.16 -28.59 5.08
C PHE A 75 -18.59 -28.82 3.69
N THR A 76 -19.47 -29.00 2.71
CA THR A 76 -18.99 -29.28 1.36
C THR A 76 -18.54 -27.99 0.68
N ARG A 77 -17.82 -28.16 -0.42
CA ARG A 77 -17.37 -27.00 -1.17
C ARG A 77 -18.54 -26.22 -1.74
N ASP A 78 -19.63 -26.93 -2.09
CA ASP A 78 -20.80 -26.25 -2.62
C ASP A 78 -21.57 -25.53 -1.52
N GLU A 79 -21.68 -26.15 -0.35
CA GLU A 79 -22.29 -25.48 0.80
C GLU A 79 -21.56 -24.19 1.15
N ILE A 80 -20.23 -24.22 1.12
CA ILE A 80 -19.46 -23.01 1.42
C ILE A 80 -19.73 -21.95 0.37
N LYS A 81 -19.76 -22.34 -0.90
CA LYS A 81 -19.77 -21.35 -1.98
C LYS A 81 -21.16 -20.79 -2.24
N THR A 82 -22.21 -21.52 -1.86
CA THR A 82 -23.57 -21.13 -2.22
C THR A 82 -24.39 -20.60 -1.06
N ILE A 83 -23.99 -20.84 0.19
CA ILE A 83 -24.78 -20.41 1.33
C ILE A 83 -23.92 -19.60 2.29
N ILE A 84 -22.72 -20.10 2.59
CA ILE A 84 -21.93 -19.52 3.66
C ILE A 84 -21.29 -18.20 3.22
N GLU A 85 -20.64 -18.20 2.05
CA GLU A 85 -19.98 -16.99 1.60
C GLU A 85 -20.98 -15.91 1.16
N PRO A 86 -22.05 -16.26 0.43
CA PRO A 86 -23.01 -15.19 0.06
C PRO A 86 -23.75 -14.58 1.23
N ILE A 87 -24.11 -15.36 2.24
CA ILE A 87 -24.84 -14.78 3.38
C ILE A 87 -23.88 -14.10 4.34
N LEU A 88 -22.90 -14.84 4.85
CA LEU A 88 -22.04 -14.35 5.91
C LEU A 88 -20.88 -13.49 5.42
N GLY A 89 -20.47 -13.62 4.16
CA GLY A 89 -19.41 -12.76 3.65
C GLY A 89 -19.80 -11.30 3.71
N ARG A 90 -21.02 -10.98 3.27
CA ARG A 90 -21.50 -9.61 3.33
C ARG A 90 -21.82 -9.19 4.76
N ALA A 91 -22.40 -10.08 5.55
CA ALA A 91 -22.80 -9.72 6.91
C ALA A 91 -21.59 -9.38 7.77
N THR A 92 -20.54 -10.19 7.71
CA THR A 92 -19.35 -9.91 8.51
C THR A 92 -18.63 -8.67 8.02
N ARG A 93 -18.58 -8.45 6.70
CA ARG A 93 -17.97 -7.24 6.17
C ARG A 93 -18.73 -6.00 6.65
N ASP A 94 -20.06 -6.05 6.58
CA ASP A 94 -20.87 -4.94 7.06
C ASP A 94 -20.63 -4.68 8.55
N LEU A 95 -20.62 -5.75 9.35
CA LEU A 95 -20.45 -5.59 10.80
C LEU A 95 -19.07 -5.04 11.15
N ALA A 96 -18.03 -5.48 10.44
CA ALA A 96 -16.69 -5.00 10.76
C ALA A 96 -16.53 -3.52 10.43
N ALA A 97 -17.04 -3.09 9.30
CA ALA A 97 -16.96 -1.68 8.93
C ALA A 97 -17.80 -0.82 9.86
N GLU A 98 -18.99 -1.29 10.23
CA GLU A 98 -19.87 -0.47 11.07
C GLU A 98 -19.37 -0.39 12.50
N HIS A 99 -18.88 -1.50 13.05
CA HIS A 99 -18.34 -1.46 14.40
C HIS A 99 -17.04 -0.67 14.48
N THR A 100 -16.32 -0.52 13.36
CA THR A 100 -15.19 0.39 13.32
C THR A 100 -15.63 1.81 13.67
N LYS A 101 -16.73 2.27 13.06
CA LYS A 101 -17.26 3.59 13.38
C LYS A 101 -17.86 3.63 14.79
N VAL A 102 -18.52 2.54 15.21
CA VAL A 102 -19.12 2.51 16.54
C VAL A 102 -18.06 2.73 17.62
N GLU A 103 -16.95 1.99 17.54
CA GLU A 103 -15.88 2.18 18.51
C GLU A 103 -15.37 3.61 18.51
N PHE A 104 -15.23 4.22 17.33
CA PHE A 104 -14.73 5.59 17.26
C PHE A 104 -15.67 6.58 17.94
N LYS A 105 -16.98 6.40 17.75
CA LYS A 105 -17.93 7.29 18.39
C LYS A 105 -17.98 7.06 19.90
N SER A 106 -17.75 5.82 20.32
CA SER A 106 -17.75 5.49 21.75
C SER A 106 -16.57 6.14 22.45
N SER A 107 -15.36 5.96 21.92
CA SER A 107 -14.16 6.55 22.50
C SER A 107 -13.08 6.70 21.43
N PRO A 108 -12.97 7.89 20.81
CA PRO A 108 -12.09 8.01 19.62
C PRO A 108 -10.63 7.71 19.91
N HIS A 109 -10.13 8.09 21.09
CA HIS A 109 -8.71 7.93 21.39
C HIS A 109 -8.28 6.47 21.52
N ASP A 110 -9.21 5.56 21.84
CA ASP A 110 -8.89 4.16 22.06
C ASP A 110 -8.82 3.35 20.78
N THR A 111 -9.05 3.98 19.63
CA THR A 111 -9.32 3.40 18.33
C THR A 111 -8.03 3.18 17.54
N PRO A 112 -7.94 2.07 16.80
CA PRO A 112 -6.78 1.90 15.91
C PRO A 112 -6.68 2.96 14.82
N LEU A 113 -7.83 3.40 14.30
CA LEU A 113 -7.85 4.50 13.35
C LEU A 113 -7.13 5.72 13.89
N PHE A 114 -7.45 6.11 15.13
CA PHE A 114 -6.81 7.30 15.70
C PHE A 114 -5.30 7.07 15.88
N SER A 115 -4.93 5.94 16.49
CA SER A 115 -3.53 5.69 16.77
C SER A 115 -2.69 5.57 15.50
N SER A 116 -3.31 5.13 14.39
CA SER A 116 -2.54 4.99 13.16
C SER A 116 -2.54 6.26 12.34
N LEU A 117 -3.69 6.94 12.24
CA LEU A 117 -3.75 8.16 11.44
C LEU A 117 -3.01 9.32 12.12
N HIS A 118 -2.97 9.34 13.45
CA HIS A 118 -2.35 10.46 14.15
C HIS A 118 -0.90 10.64 13.76
N TYR A 119 -0.23 9.56 13.38
CA TYR A 119 1.16 9.64 12.92
C TYR A 119 1.29 10.60 11.74
N ALA A 120 0.44 10.42 10.72
CA ALA A 120 0.44 11.34 9.59
C ALA A 120 0.05 12.76 10.02
N VAL A 121 -0.89 12.87 10.96
CA VAL A 121 -1.33 14.19 11.41
C VAL A 121 -0.21 14.93 12.10
N GLU A 122 0.54 14.26 12.99
CA GLU A 122 1.64 14.93 13.67
C GLU A 122 2.75 15.29 12.68
N PHE A 123 3.08 14.38 11.76
CA PHE A 123 4.08 14.66 10.74
C PHE A 123 3.68 15.87 9.91
N GLY A 124 2.43 15.90 9.45
CA GLY A 124 1.97 17.03 8.65
C GLY A 124 2.02 18.34 9.39
N PHE A 125 1.67 18.34 10.68
CA PHE A 125 1.73 19.57 11.46
C PHE A 125 3.16 20.03 11.68
N LYS A 126 4.11 19.10 11.80
CA LYS A 126 5.52 19.48 11.83
C LYS A 126 5.90 20.25 10.57
N ARG A 127 5.53 19.71 9.40
CA ARG A 127 5.87 20.35 8.14
C ARG A 127 5.13 21.67 7.98
N SER A 128 3.85 21.70 8.34
CA SER A 128 3.06 22.92 8.18
C SER A 128 3.52 24.01 9.14
N LEU A 129 3.84 23.64 10.38
CA LEU A 129 4.38 24.61 11.34
C LEU A 129 5.67 25.22 10.82
N GLN A 130 6.50 24.43 10.13
CA GLN A 130 7.78 24.96 9.64
C GLN A 130 7.58 25.88 8.45
N ILE A 131 6.65 25.54 7.55
CA ILE A 131 6.33 26.44 6.45
C ILE A 131 5.78 27.75 6.99
N ASN A 132 5.05 27.70 8.10
CA ASN A 132 4.47 28.87 8.75
C ASN A 132 5.45 29.60 9.65
N GLU A 133 6.73 29.21 9.65
CA GLU A 133 7.77 29.86 10.45
C GLU A 133 7.42 29.92 11.94
N SER A 134 6.95 28.80 12.47
CA SER A 134 6.69 28.67 13.90
C SER A 134 7.75 27.76 14.52
N GLU A 135 8.20 28.11 15.72
CA GLU A 135 9.24 27.31 16.35
C GLU A 135 8.66 26.09 17.06
N LEU A 136 7.34 25.92 17.02
CA LEU A 136 6.70 24.72 17.53
C LEU A 136 7.05 23.49 16.71
N THR A 137 7.47 23.68 15.45
CA THR A 137 7.90 22.56 14.62
C THR A 137 9.05 21.80 15.25
N LEU A 138 9.76 22.41 16.20
CA LEU A 138 10.88 21.76 16.88
C LEU A 138 10.44 20.75 17.93
N LEU A 139 9.23 20.87 18.45
CA LEU A 139 8.78 19.97 19.51
C LEU A 139 8.31 18.61 19.00
N ILE A 140 8.40 18.35 17.69
CA ILE A 140 7.91 17.13 17.07
C ILE A 140 9.10 16.34 16.50
N ASP A 141 9.13 15.03 16.74
CA ASP A 141 10.03 14.12 16.05
C ASP A 141 9.21 13.10 15.28
N ASN A 142 9.34 13.14 13.96
CA ASN A 142 8.48 12.37 13.08
C ASN A 142 8.97 12.62 11.67
N ASP A 143 9.41 11.57 10.99
CA ASP A 143 9.78 11.66 9.58
C ASP A 143 8.91 10.73 8.74
N PHE A 144 7.80 10.27 9.34
CA PHE A 144 6.79 9.46 8.67
C PHE A 144 7.38 8.20 8.03
N SER A 145 8.34 7.59 8.72
CA SER A 145 8.99 6.40 8.20
C SER A 145 8.68 5.12 8.97
N ASN A 146 8.03 5.21 10.13
CA ASN A 146 7.75 4.02 10.94
C ASN A 146 6.71 3.13 10.25
N PRO A 147 7.08 1.94 9.77
CA PRO A 147 6.09 1.08 9.09
C PRO A 147 5.00 0.57 10.00
N ASP A 148 5.24 0.48 11.31
CA ASP A 148 4.17 0.09 12.23
C ASP A 148 2.95 0.99 12.08
N TYR A 149 3.14 2.21 11.58
CA TYR A 149 2.05 3.14 11.33
C TYR A 149 1.69 3.28 9.86
N THR A 150 2.71 3.37 8.98
CA THR A 150 2.45 3.72 7.58
C THR A 150 1.71 2.65 6.80
N GLU A 151 1.73 1.38 7.21
CA GLU A 151 0.99 0.37 6.47
C GLU A 151 -0.40 0.11 7.03
N ALA A 152 -0.92 1.01 7.86
CA ALA A 152 -2.29 0.86 8.32
C ALA A 152 -3.27 1.10 7.17
N GLU A 153 -4.48 0.57 7.31
CA GLU A 153 -5.44 0.62 6.22
C GLU A 153 -5.89 2.04 5.92
N ILE A 154 -5.92 2.93 6.93
CA ILE A 154 -6.40 4.30 6.71
C ILE A 154 -5.62 5.00 5.61
N TYR A 155 -4.32 4.70 5.47
CA TYR A 155 -3.51 5.35 4.45
C TYR A 155 -3.72 4.77 3.06
N LYS A 156 -4.47 3.69 2.94
CA LYS A 156 -4.83 3.14 1.64
C LYS A 156 -6.17 3.64 1.14
N VAL A 157 -6.82 4.53 1.89
CA VAL A 157 -8.08 5.13 1.46
C VAL A 157 -7.76 6.21 0.44
N SER A 158 -8.45 6.15 -0.70
CA SER A 158 -8.12 7.04 -1.82
C SER A 158 -8.38 8.49 -1.44
N GLY A 159 -7.39 9.34 -1.67
CA GLY A 159 -7.52 10.77 -1.47
C GLY A 159 -7.48 11.23 -0.03
N LEU A 160 -7.43 10.32 0.95
CA LEU A 160 -7.51 10.74 2.35
C LEU A 160 -6.35 11.66 2.73
N LEU A 161 -5.13 11.30 2.36
CA LEU A 161 -3.99 12.13 2.73
C LEU A 161 -4.00 13.46 2.00
N ASP A 162 -4.56 13.50 0.78
CA ASP A 162 -4.77 14.79 0.11
C ASP A 162 -5.65 15.69 0.96
N ALA A 163 -6.81 15.17 1.37
CA ALA A 163 -7.74 15.94 2.19
C ALA A 163 -7.13 16.28 3.54
N LEU A 164 -6.36 15.35 4.13
CA LEU A 164 -5.71 15.65 5.39
C LEU A 164 -4.74 16.82 5.24
N GLN A 165 -4.11 16.97 4.07
CA GLN A 165 -3.17 18.08 3.93
C GLN A 165 -3.88 19.42 3.80
N GLU A 166 -5.01 19.48 3.11
CA GLU A 166 -5.65 20.79 3.06
C GLU A 166 -6.33 21.12 4.37
N TYR A 167 -6.75 20.10 5.12
CA TYR A 167 -7.27 20.35 6.46
C TYR A 167 -6.19 20.92 7.36
N ILE A 168 -4.99 20.33 7.34
CA ILE A 168 -3.93 20.79 8.25
C ILE A 168 -3.49 22.20 7.88
N LEU A 169 -3.39 22.49 6.57
CA LEU A 169 -3.00 23.83 6.16
C LEU A 169 -4.05 24.84 6.60
N THR A 170 -5.32 24.43 6.57
CA THR A 170 -6.39 25.30 7.04
C THR A 170 -6.23 25.63 8.52
N ARG A 171 -5.96 24.63 9.35
CA ARG A 171 -6.10 24.77 10.79
C ARG A 171 -4.81 25.14 11.52
N THR A 172 -3.68 25.26 10.82
CA THR A 172 -2.42 25.52 11.52
C THR A 172 -2.40 26.82 12.31
N PRO A 173 -2.78 27.98 11.76
CA PRO A 173 -2.75 29.22 12.57
C PRO A 173 -3.57 29.13 13.85
N SER A 174 -4.72 28.45 13.82
CA SER A 174 -5.51 28.29 15.03
C SER A 174 -4.77 27.43 16.05
N VAL A 175 -4.03 26.42 15.59
CA VAL A 175 -3.23 25.61 16.50
C VAL A 175 -2.17 26.45 17.19
N ILE A 176 -1.53 27.35 16.43
CA ILE A 176 -0.49 28.22 17.00
C ILE A 176 -1.09 29.12 18.07
N GLU A 177 -2.25 29.71 17.80
CA GLU A 177 -2.86 30.61 18.76
C GLU A 177 -3.35 29.86 19.99
N GLU A 178 -3.95 28.68 19.81
CA GLU A 178 -4.40 27.87 20.94
C GLU A 178 -3.23 27.37 21.77
N PHE A 179 -2.10 27.03 21.13
CA PHE A 179 -0.93 26.64 21.91
C PHE A 179 -0.47 27.79 22.80
N ASN A 180 -0.35 28.99 22.22
CA ASN A 180 0.06 30.15 22.99
C ASN A 180 -0.88 30.39 24.17
N ARG A 181 -2.18 30.21 23.96
CA ARG A 181 -3.15 30.42 25.03
C ARG A 181 -2.87 29.50 26.21
N GLN A 182 -2.70 28.20 25.95
CA GLN A 182 -2.55 27.23 27.03
C GLN A 182 -1.19 27.33 27.71
N TRP A 183 -0.16 27.76 27.00
CA TRP A 183 1.16 27.88 27.62
C TRP A 183 1.27 29.15 28.46
N GLU A 184 0.65 30.24 28.01
CA GLU A 184 0.48 31.41 28.87
C GLU A 184 -0.18 31.01 30.18
N ASN A 185 -1.24 30.20 30.09
CA ASN A 185 -1.90 29.70 31.29
C ASN A 185 -0.98 28.79 32.09
N LYS A 186 -0.19 27.96 31.40
CA LYS A 186 0.69 27.03 32.11
C LYS A 186 1.87 27.75 32.75
N LYS A 187 2.40 28.77 32.06
CA LYS A 187 3.49 29.56 32.63
C LYS A 187 3.06 30.23 33.93
N GLN A 188 1.86 30.82 33.95
CA GLN A 188 1.38 31.47 35.16
C GLN A 188 0.96 30.47 36.23
N GLU A 189 0.66 29.22 35.85
CA GLU A 189 0.41 28.18 36.83
C GLU A 189 1.70 27.69 37.46
N LEU A 190 2.82 27.91 36.79
CA LEU A 190 4.14 27.56 37.29
C LEU A 190 4.95 28.80 37.59
N LYS A 191 4.28 29.89 38.01
CA LYS A 191 4.97 31.12 38.38
C LYS A 191 6.08 30.86 39.39
N GLU A 192 5.76 30.16 40.49
CA GLU A 192 6.69 30.04 41.60
C GLU A 192 7.73 28.93 41.46
N GLN A 193 7.77 28.22 40.35
CA GLN A 193 8.80 27.22 40.18
C GLN A 193 9.83 27.70 39.17
N SER A 194 11.06 27.23 39.34
CA SER A 194 12.18 27.71 38.53
C SER A 194 12.49 26.60 37.55
N LEU A 195 12.12 26.84 36.29
CA LEU A 195 12.09 25.81 35.28
C LEU A 195 13.37 25.83 34.48
N THR A 196 14.02 24.68 34.38
CA THR A 196 15.07 24.58 33.39
C THR A 196 14.44 24.65 32.00
N GLU A 197 15.29 24.87 31.00
CA GLU A 197 14.87 25.00 29.61
C GLU A 197 14.52 23.65 28.99
N LYS A 198 15.12 22.57 29.46
CA LYS A 198 14.64 21.24 29.08
C LYS A 198 13.26 20.98 29.67
N GLU A 199 13.06 21.37 30.93
CA GLU A 199 11.78 21.18 31.58
C GLU A 199 10.68 21.97 30.87
N ILE A 200 10.97 23.20 30.47
CA ILE A 200 9.99 23.99 29.73
C ILE A 200 9.66 23.32 28.41
N GLN A 201 10.64 22.62 27.84
CA GLN A 201 10.44 21.96 26.56
C GLN A 201 9.55 20.74 26.68
N VAL A 202 9.63 20.02 27.81
CA VAL A 202 8.72 18.91 28.03
C VAL A 202 7.30 19.42 28.23
N HIS A 203 7.14 20.49 29.00
CA HIS A 203 5.81 21.07 29.22
C HIS A 203 5.20 21.54 27.91
N GLN A 204 6.00 22.17 27.04
CA GLN A 204 5.48 22.66 25.76
C GLN A 204 5.12 21.50 24.84
N ALA A 205 6.01 20.52 24.72
CA ALA A 205 5.75 19.37 23.84
C ALA A 205 4.48 18.64 24.26
N THR A 206 4.21 18.57 25.57
CA THR A 206 2.99 17.93 26.04
C THR A 206 1.75 18.71 25.63
N ILE A 207 1.80 20.05 25.74
CA ILE A 207 0.65 20.87 25.36
C ILE A 207 0.35 20.74 23.87
N LEU A 208 1.40 20.79 23.03
CA LEU A 208 1.18 20.65 21.60
C LEU A 208 0.64 19.27 21.26
N ASP A 209 1.16 18.24 21.94
CA ASP A 209 0.69 16.87 21.74
C ASP A 209 -0.83 16.76 21.92
N ASN A 210 -1.32 17.26 23.04
CA ASN A 210 -2.74 17.13 23.34
C ASN A 210 -3.60 17.90 22.34
N ILE A 211 -3.13 19.05 21.88
CA ILE A 211 -3.87 19.79 20.86
C ILE A 211 -3.94 18.99 19.56
N LEU A 212 -2.82 18.39 19.15
CA LEU A 212 -2.79 17.63 17.91
C LEU A 212 -3.66 16.38 17.99
N ARG A 213 -3.75 15.74 19.16
CA ARG A 213 -4.61 14.58 19.31
C ARG A 213 -6.07 14.93 19.02
N LYS A 214 -6.53 16.07 19.53
CA LYS A 214 -7.90 16.50 19.23
C LYS A 214 -8.05 16.87 17.76
N GLU A 215 -6.97 17.40 17.15
CA GLU A 215 -6.98 17.73 15.73
C GLU A 215 -7.25 16.49 14.88
N THR A 216 -6.64 15.36 15.23
CA THR A 216 -6.87 14.13 14.47
C THR A 216 -8.33 13.69 14.56
N ILE A 217 -8.89 13.72 15.75
CA ILE A 217 -10.29 13.29 15.91
C ILE A 217 -11.22 14.28 15.23
N ASP A 218 -10.94 15.58 15.34
CA ASP A 218 -11.80 16.59 14.74
C ASP A 218 -11.78 16.49 13.21
N PHE A 219 -10.61 16.16 12.64
CA PHE A 219 -10.53 15.95 11.19
C PHE A 219 -11.49 14.85 10.75
N LEU A 220 -11.50 13.72 11.47
CA LEU A 220 -12.38 12.62 11.12
C LEU A 220 -13.85 12.97 11.31
N LEU A 221 -14.16 13.81 12.30
CA LEU A 221 -15.54 14.15 12.63
C LEU A 221 -16.09 15.29 11.80
N ALA A 222 -15.25 16.08 11.15
CA ALA A 222 -15.68 17.31 10.52
C ALA A 222 -16.73 17.05 9.43
N GLU A 223 -17.55 18.07 9.17
CA GLU A 223 -18.60 18.06 8.15
C GLU A 223 -19.48 16.81 8.30
N ASN A 224 -20.06 16.71 9.49
CA ASN A 224 -20.75 15.51 9.98
C ASN A 224 -20.08 14.22 9.55
N GLU A 225 -18.85 14.02 10.04
CA GLU A 225 -18.16 12.71 9.99
C GLU A 225 -17.92 12.25 8.56
N LYS A 226 -17.60 13.19 7.68
CA LYS A 226 -17.36 12.90 6.27
C LYS A 226 -16.21 11.90 6.11
N HIS A 227 -15.04 12.23 6.67
CA HIS A 227 -13.89 11.34 6.51
C HIS A 227 -14.02 10.07 7.35
N LEU A 228 -14.62 10.14 8.53
CA LEU A 228 -14.91 8.93 9.27
C LEU A 228 -15.80 7.99 8.46
N ASP A 229 -16.81 8.56 7.78
CA ASP A 229 -17.69 7.75 6.95
C ASP A 229 -16.98 7.19 5.73
N GLU A 230 -16.04 7.96 5.14
CA GLU A 230 -15.27 7.46 4.02
C GLU A 230 -14.49 6.21 4.39
N TYR A 231 -13.92 6.18 5.60
CA TYR A 231 -13.22 4.99 6.06
C TYR A 231 -14.18 3.82 6.23
N ARG A 232 -15.36 4.06 6.79
CA ARG A 232 -16.35 3.00 6.92
C ARG A 232 -16.75 2.45 5.55
N GLU A 233 -17.01 3.35 4.59
CA GLU A 233 -17.47 2.88 3.28
C GLU A 233 -16.34 2.22 2.51
N HIS A 234 -15.10 2.63 2.74
CA HIS A 234 -13.96 1.93 2.14
C HIS A 234 -13.86 0.50 2.65
N LEU A 235 -13.92 0.32 3.97
CA LEU A 235 -13.85 -1.02 4.54
C LEU A 235 -14.98 -1.90 4.04
N ARG A 236 -16.12 -1.28 3.70
CA ARG A 236 -17.36 -1.96 3.38
C ARG A 236 -17.51 -2.26 1.90
N ARG A 237 -16.67 -1.66 1.05
CA ARG A 237 -16.80 -1.84 -0.38
C ARG A 237 -16.46 -3.26 -0.77
N GLU A 238 -17.28 -3.83 -1.66
CA GLU A 238 -17.09 -5.19 -2.11
C GLU A 238 -15.69 -5.38 -2.67
N PHE A 239 -15.03 -6.46 -2.26
CA PHE A 239 -13.72 -6.93 -2.71
C PHE A 239 -12.55 -6.15 -2.13
N VAL A 240 -12.78 -5.15 -1.27
CA VAL A 240 -11.66 -4.45 -0.65
C VAL A 240 -10.99 -5.39 0.35
N TRP A 241 -9.65 -5.49 0.25
CA TRP A 241 -8.90 -6.45 1.04
C TRP A 241 -8.97 -6.10 2.53
N GLY A 242 -9.34 -7.07 3.35
CA GLY A 242 -9.36 -6.86 4.78
C GLY A 242 -7.97 -7.00 5.39
N SER A 243 -7.66 -6.11 6.30
CA SER A 243 -6.44 -6.18 7.09
C SER A 243 -6.78 -6.68 8.49
N GLU A 244 -5.74 -7.05 9.24
CA GLU A 244 -5.97 -7.67 10.54
C GLU A 244 -6.47 -6.67 11.58
N GLU A 245 -6.28 -5.36 11.36
CA GLU A 245 -6.93 -4.38 12.23
C GLU A 245 -8.44 -4.61 12.28
N THR A 246 -9.07 -4.78 11.11
CA THR A 246 -10.52 -4.90 11.08
C THR A 246 -11.02 -6.33 11.28
N LEU A 247 -10.21 -7.36 11.02
CA LEU A 247 -10.55 -8.71 11.47
C LEU A 247 -10.79 -8.68 12.97
N MET A 248 -10.05 -7.82 13.67
CA MET A 248 -9.94 -7.69 15.11
C MET A 248 -11.07 -6.85 15.69
N VAL A 249 -11.39 -5.73 15.03
CA VAL A 249 -12.62 -5.00 15.29
C VAL A 249 -13.81 -5.95 15.18
N LEU A 250 -13.82 -6.76 14.12
CA LEU A 250 -14.92 -7.67 13.86
C LEU A 250 -15.09 -8.68 14.97
N HIS A 251 -13.98 -9.23 15.49
CA HIS A 251 -14.10 -10.23 16.55
C HIS A 251 -14.56 -9.60 17.86
N ARG A 252 -14.14 -8.37 18.16
CA ARG A 252 -14.67 -7.67 19.32
C ARG A 252 -16.18 -7.50 19.22
N ALA A 253 -16.68 -7.16 18.02
CA ALA A 253 -18.11 -6.99 17.84
C ALA A 253 -18.86 -8.31 18.02
N ILE A 254 -18.35 -9.37 17.41
CA ILE A 254 -19.04 -10.66 17.42
C ILE A 254 -19.16 -11.19 18.84
N GLN A 255 -18.14 -10.99 19.67
CA GLN A 255 -18.16 -11.41 21.06
C GLN A 255 -19.02 -10.51 21.94
N GLY A 256 -19.41 -9.34 21.45
CA GLY A 256 -20.12 -8.38 22.27
C GLY A 256 -19.25 -7.77 23.36
N GLU A 257 -17.97 -7.51 23.06
CA GLU A 257 -17.09 -6.98 24.08
C GLU A 257 -17.48 -5.54 24.41
N ARG A 258 -17.59 -5.26 25.71
CA ARG A 258 -17.84 -3.92 26.22
C ARG A 258 -16.86 -3.65 27.35
N MET A 259 -16.31 -2.44 27.37
CA MET A 259 -15.43 -2.00 28.44
C MET A 259 -16.28 -1.31 29.50
N VAL A 260 -16.36 -1.90 30.68
CA VAL A 260 -17.35 -1.50 31.68
C VAL A 260 -16.66 -1.18 32.99
N ARG A 261 -17.11 -0.12 33.66
CA ARG A 261 -16.54 0.31 34.91
C ARG A 261 -17.30 -0.35 36.05
N ASN A 262 -16.59 -0.65 37.13
CA ASN A 262 -17.08 -1.59 38.13
C ASN A 262 -17.16 -0.88 39.48
N HIS A 263 -17.43 -1.64 40.54
CA HIS A 263 -17.64 -1.07 41.86
C HIS A 263 -16.50 -0.14 42.28
N GLU A 264 -15.26 -0.56 42.09
CA GLU A 264 -14.12 0.27 42.48
C GLU A 264 -13.85 1.41 41.50
N GLY A 265 -14.49 1.42 40.33
CA GLY A 265 -14.18 2.40 39.32
C GLY A 265 -13.17 1.94 38.29
N ARG A 266 -12.85 0.64 38.28
CA ARG A 266 -11.90 0.07 37.34
C ARG A 266 -12.62 -0.46 36.12
N ILE A 267 -12.02 -0.28 34.96
CA ILE A 267 -12.62 -0.75 33.71
C ILE A 267 -12.13 -2.18 33.47
N GLU A 268 -13.06 -3.05 33.09
CA GLU A 268 -12.76 -4.43 32.74
C GLU A 268 -13.64 -4.82 31.57
N PRO A 269 -13.16 -5.70 30.69
CA PRO A 269 -13.96 -6.10 29.53
C PRO A 269 -15.07 -7.07 29.92
N VAL A 270 -16.24 -6.89 29.31
CA VAL A 270 -17.39 -7.74 29.52
C VAL A 270 -17.84 -8.28 28.16
N TYR A 271 -18.13 -9.58 28.12
CA TYR A 271 -18.48 -10.25 26.88
C TYR A 271 -19.90 -10.82 26.95
N ASP A 272 -20.53 -10.89 25.78
CA ASP A 272 -21.72 -11.74 25.63
C ASP A 272 -21.30 -13.20 25.45
N HIS A 273 -20.40 -13.44 24.51
CA HIS A 273 -19.92 -14.79 24.19
C HIS A 273 -18.45 -14.71 23.83
N GLU A 274 -17.58 -15.25 24.67
CA GLU A 274 -16.15 -15.25 24.42
C GLU A 274 -15.77 -16.33 23.41
N ILE A 275 -14.98 -15.97 22.40
CA ILE A 275 -14.45 -16.93 21.43
C ILE A 275 -12.96 -16.67 21.26
N ILE A 276 -12.15 -17.70 21.47
CA ILE A 276 -10.70 -17.56 21.38
C ILE A 276 -10.28 -17.57 19.92
N LEU A 277 -9.69 -16.46 19.48
CA LEU A 277 -9.23 -16.29 18.10
C LEU A 277 -7.71 -16.19 18.08
N HIS A 278 -7.08 -16.91 17.16
CA HIS A 278 -5.66 -16.80 16.88
C HIS A 278 -5.45 -16.44 15.41
N VAL A 279 -4.29 -15.86 15.13
CA VAL A 279 -3.89 -15.54 13.76
C VAL A 279 -2.61 -16.31 13.45
N HIS A 280 -2.64 -17.11 12.39
CA HIS A 280 -1.48 -17.82 11.89
C HIS A 280 -0.91 -17.12 10.64
N ARG A 281 0.38 -17.34 10.40
CA ARG A 281 1.07 -16.77 9.24
C ARG A 281 1.67 -17.90 8.41
N ASN A 282 1.28 -17.95 7.13
CA ASN A 282 1.83 -18.92 6.18
C ASN A 282 1.82 -20.33 6.75
N GLY A 283 0.70 -20.68 7.38
CA GLY A 283 0.51 -21.99 7.95
C GLY A 283 1.08 -22.18 9.34
N ALA A 284 1.97 -21.30 9.80
CA ALA A 284 2.69 -21.51 11.04
C ALA A 284 1.91 -20.94 12.23
N SER A 285 1.79 -21.73 13.28
CA SER A 285 1.26 -21.26 14.54
C SER A 285 2.28 -20.35 15.22
N PRO A 286 1.84 -19.53 16.18
CA PRO A 286 2.80 -18.72 16.94
C PRO A 286 3.82 -19.59 17.66
N SER A 287 5.02 -19.06 17.82
CA SER A 287 6.07 -19.76 18.56
C SER A 287 5.72 -19.91 20.03
N TYR A 288 5.01 -18.93 20.59
CA TYR A 288 4.71 -18.88 22.01
C TYR A 288 3.41 -19.60 22.34
N GLN A 289 3.23 -19.90 23.63
CA GLN A 289 2.07 -20.64 24.11
C GLN A 289 0.98 -19.65 24.49
N ALA A 290 -0.13 -19.69 23.76
CA ALA A 290 -1.34 -18.99 24.17
C ALA A 290 -2.40 -20.02 24.57
N GLY A 291 -3.64 -19.77 24.19
CA GLY A 291 -4.73 -20.66 24.50
C GLY A 291 -4.86 -21.85 23.56
N SER A 292 -5.89 -22.65 23.81
CA SER A 292 -6.39 -23.59 22.81
C SER A 292 -7.42 -22.85 21.96
N PRO A 293 -7.12 -22.52 20.71
CA PRO A 293 -7.99 -21.58 19.99
C PRO A 293 -9.24 -22.26 19.47
N GLU A 294 -10.30 -21.45 19.36
CA GLU A 294 -11.58 -21.91 18.82
C GLU A 294 -11.81 -21.45 17.39
N MET A 295 -11.22 -20.31 17.00
CA MET A 295 -11.17 -19.85 15.62
C MET A 295 -9.72 -19.51 15.29
N ILE A 296 -9.26 -19.94 14.11
CA ILE A 296 -7.93 -19.61 13.62
C ILE A 296 -8.07 -19.04 12.21
N LEU A 297 -7.49 -17.86 11.99
CA LEU A 297 -7.42 -17.29 10.66
C LEU A 297 -5.97 -17.25 10.19
N ASN A 298 -5.73 -17.72 8.98
CA ASN A 298 -4.39 -17.89 8.44
C ASN A 298 -4.16 -16.92 7.29
N ASN A 299 -3.10 -16.13 7.38
CA ASN A 299 -2.68 -15.21 6.33
C ASN A 299 -1.60 -15.87 5.49
N GLU A 300 -1.71 -15.72 4.17
CA GLU A 300 -0.73 -16.27 3.24
C GLU A 300 -0.12 -15.13 2.44
N GLY A 301 1.17 -14.87 2.69
CA GLY A 301 1.96 -13.90 1.98
C GLY A 301 1.38 -12.51 1.76
N ASN A 302 0.50 -12.06 2.64
CA ASN A 302 -0.11 -10.73 2.56
C ASN A 302 -0.98 -10.57 1.30
N VAL A 303 -1.51 -11.67 0.78
CA VAL A 303 -2.42 -11.61 -0.37
C VAL A 303 -3.66 -12.45 -0.20
N HIS A 304 -3.72 -13.37 0.76
CA HIS A 304 -4.86 -14.28 0.89
C HIS A 304 -5.09 -14.60 2.37
N TRP A 305 -6.34 -14.93 2.70
CA TRP A 305 -6.77 -15.33 4.04
C TRP A 305 -7.49 -16.68 3.97
N THR A 306 -7.23 -17.57 4.92
CA THR A 306 -7.90 -18.87 4.97
C THR A 306 -8.22 -19.26 6.40
N SER A 307 -8.86 -20.42 6.56
CA SER A 307 -9.43 -20.88 7.81
C SER A 307 -8.72 -22.16 8.26
N ILE A 308 -8.20 -22.16 9.48
CA ILE A 308 -7.68 -23.37 10.11
C ILE A 308 -8.64 -23.77 11.23
N ILE A 309 -9.12 -25.00 11.17
CA ILE A 309 -10.16 -25.50 12.07
C ILE A 309 -9.49 -26.31 13.18
N PRO A 310 -9.62 -25.90 14.44
CA PRO A 310 -8.94 -26.61 15.54
C PRO A 310 -9.49 -28.01 15.75
N ASP A 311 -8.60 -28.95 16.10
CA ASP A 311 -9.03 -30.33 16.32
C ASP A 311 -10.14 -30.43 17.36
N ALA A 312 -10.07 -29.61 18.41
CA ALA A 312 -11.13 -29.63 19.42
C ALA A 312 -12.45 -29.15 18.82
N ILE A 313 -12.39 -28.32 17.78
CA ILE A 313 -13.56 -27.86 17.06
C ILE A 313 -13.63 -28.67 15.77
N PHE A 314 -14.31 -29.81 15.85
CA PHE A 314 -14.55 -30.70 14.71
C PHE A 314 -13.34 -31.54 14.30
N THR A 315 -13.58 -32.82 14.02
CA THR A 315 -12.59 -33.71 13.41
C THR A 315 -13.35 -34.79 12.66
N SER A 316 -13.12 -34.87 11.35
CA SER A 316 -13.63 -35.96 10.51
C SER A 316 -12.48 -36.84 10.09
N LYS A 317 -12.73 -38.13 9.90
CA LYS A 317 -11.65 -38.99 9.41
C LYS A 317 -11.79 -39.28 7.92
N LEU A 318 -12.41 -38.37 7.18
CA LEU A 318 -12.35 -38.39 5.73
C LEU A 318 -11.50 -37.23 5.21
N THR A 319 -10.69 -37.54 4.20
CA THR A 319 -10.02 -36.57 3.36
C THR A 319 -11.07 -35.69 2.68
N ASP A 320 -10.64 -34.56 2.11
CA ASP A 320 -11.60 -33.73 1.39
C ASP A 320 -12.08 -34.42 0.12
N LYS A 321 -11.21 -35.21 -0.51
CA LYS A 321 -11.63 -36.07 -1.60
C LYS A 321 -12.55 -37.18 -1.14
N GLU A 322 -12.30 -37.74 0.05
CA GLU A 322 -13.20 -38.78 0.57
C GLU A 322 -14.56 -38.20 0.90
N GLU A 323 -14.59 -36.98 1.45
CA GLU A 323 -15.86 -36.31 1.70
C GLU A 323 -16.58 -36.02 0.39
N LYS A 324 -15.83 -35.66 -0.65
CA LYS A 324 -16.44 -35.42 -1.95
C LYS A 324 -17.09 -36.68 -2.50
N LEU A 325 -16.40 -37.82 -2.36
CA LEU A 325 -16.95 -39.08 -2.86
C LEU A 325 -18.21 -39.49 -2.11
N LEU A 326 -18.21 -39.39 -0.78
CA LEU A 326 -19.36 -39.88 -0.03
C LEU A 326 -20.55 -38.93 -0.16
N ASP A 327 -20.30 -37.63 -0.25
CA ASP A 327 -21.41 -36.70 -0.47
C ASP A 327 -22.06 -36.95 -1.82
N MET A 328 -21.24 -37.23 -2.83
CA MET A 328 -21.75 -37.51 -4.17
C MET A 328 -22.58 -38.79 -4.18
N LEU A 329 -22.18 -39.80 -3.40
CA LEU A 329 -22.95 -41.04 -3.31
C LEU A 329 -24.29 -40.80 -2.60
N GLU A 330 -24.27 -39.99 -1.54
CA GLU A 330 -25.51 -39.67 -0.83
C GLU A 330 -26.47 -38.91 -1.74
N ARG A 331 -25.94 -38.08 -2.64
CA ARG A 331 -26.77 -37.33 -3.58
C ARG A 331 -27.23 -38.17 -4.77
N MET A 332 -26.41 -39.14 -5.18
CA MET A 332 -26.88 -40.17 -6.08
C MET A 332 -27.98 -40.98 -5.44
N GLN A 333 -27.88 -41.18 -4.12
CA GLN A 333 -28.88 -41.96 -3.40
C GLN A 333 -30.21 -41.21 -3.33
N SER A 334 -30.15 -39.88 -3.36
CA SER A 334 -31.35 -39.05 -3.33
C SER A 334 -31.93 -38.79 -4.72
N GLU A 335 -31.08 -38.75 -5.75
CA GLU A 335 -31.57 -38.46 -7.10
C GLU A 335 -32.13 -39.71 -7.79
N TYR A 336 -31.49 -40.87 -7.59
CA TYR A 336 -31.89 -42.09 -8.29
C TYR A 336 -32.45 -43.17 -7.38
N GLY A 337 -32.35 -43.01 -6.06
CA GLY A 337 -32.57 -44.13 -5.16
C GLY A 337 -33.87 -44.85 -5.36
N SER A 338 -34.94 -44.12 -5.71
CA SER A 338 -36.26 -44.72 -5.83
C SER A 338 -36.39 -45.60 -7.07
N LYS A 339 -35.55 -45.41 -8.08
CA LYS A 339 -35.61 -46.19 -9.29
C LYS A 339 -35.37 -47.68 -9.01
N GLU A 340 -35.89 -48.52 -9.91
CA GLU A 340 -35.71 -49.95 -9.77
C GLU A 340 -34.38 -50.38 -10.35
N LEU A 341 -33.81 -51.45 -9.78
CA LEU A 341 -32.54 -52.03 -10.22
C LEU A 341 -32.71 -53.54 -10.15
N GLY A 342 -33.43 -54.09 -11.14
CA GLY A 342 -33.71 -55.50 -11.16
C GLY A 342 -32.44 -56.30 -11.41
N VAL A 343 -31.72 -56.62 -10.34
CA VAL A 343 -30.46 -57.33 -10.48
C VAL A 343 -30.46 -58.55 -9.57
N GLU A 344 -30.18 -58.37 -8.28
CA GLU A 344 -30.10 -59.53 -7.39
C GLU A 344 -31.07 -59.39 -6.22
N LYS A 345 -30.53 -59.23 -5.02
CA LYS A 345 -31.39 -58.88 -3.89
C LYS A 345 -31.88 -57.45 -4.01
N TYR A 346 -31.01 -56.55 -4.49
CA TYR A 346 -31.33 -55.13 -4.64
C TYR A 346 -32.56 -54.91 -5.51
N SER A 347 -33.63 -54.44 -4.94
CA SER A 347 -34.70 -53.83 -5.74
C SER A 347 -34.44 -52.37 -6.06
N SER A 348 -34.02 -51.62 -5.07
CA SER A 348 -33.69 -50.21 -5.28
C SER A 348 -32.26 -50.03 -5.78
N ILE A 349 -32.05 -48.93 -6.51
CA ILE A 349 -30.70 -48.42 -6.71
C ILE A 349 -30.13 -47.83 -5.41
N SER A 350 -31.00 -47.38 -4.50
CA SER A 350 -30.51 -46.80 -3.24
C SER A 350 -29.93 -47.85 -2.31
N ASP A 351 -30.54 -49.04 -2.24
CA ASP A 351 -29.92 -50.11 -1.45
C ASP A 351 -28.59 -50.53 -2.07
N TRP A 352 -28.49 -50.49 -3.40
CA TRP A 352 -27.21 -50.78 -4.04
C TRP A 352 -26.18 -49.73 -3.71
N LEU A 353 -26.57 -48.45 -3.74
CA LEU A 353 -25.64 -47.37 -3.43
C LEU A 353 -25.18 -47.41 -1.98
N SER A 354 -26.12 -47.69 -1.05
CA SER A 354 -25.74 -47.87 0.35
C SER A 354 -24.68 -48.96 0.50
N ASP A 355 -24.87 -50.09 -0.19
CA ASP A 355 -23.90 -51.18 -0.09
C ASP A 355 -22.55 -50.76 -0.68
N LEU A 356 -22.57 -49.90 -1.71
CA LEU A 356 -21.34 -49.31 -2.20
C LEU A 356 -20.66 -48.48 -1.11
N MET A 357 -21.44 -47.68 -0.39
CA MET A 357 -20.89 -46.83 0.66
C MET A 357 -20.23 -47.65 1.75
N LYS A 358 -20.89 -48.72 2.19
CA LYS A 358 -20.32 -49.56 3.25
C LYS A 358 -19.08 -50.29 2.75
N GLN A 359 -19.05 -50.67 1.47
CA GLN A 359 -17.90 -51.36 0.92
C GLN A 359 -16.68 -50.46 0.84
N ILE A 360 -16.88 -49.17 0.57
CA ILE A 360 -15.77 -48.23 0.54
C ILE A 360 -15.20 -48.04 1.94
N GLU A 361 -16.06 -48.00 2.95
CA GLU A 361 -15.58 -47.91 4.34
C GLU A 361 -14.85 -49.18 4.74
N LEU A 362 -15.29 -50.34 4.25
CA LEU A 362 -14.57 -51.57 4.54
C LEU A 362 -13.19 -51.58 3.90
N ILE A 363 -13.02 -50.88 2.76
CA ILE A 363 -11.69 -50.69 2.20
C ILE A 363 -10.85 -49.83 3.14
N LYS A 364 -11.44 -48.74 3.64
CA LYS A 364 -10.71 -47.80 4.48
C LYS A 364 -10.21 -48.46 5.76
N THR A 365 -11.07 -49.24 6.40
CA THR A 365 -10.71 -49.88 7.67
C THR A 365 -9.99 -51.22 7.50
N SER A 366 -9.86 -51.73 6.29
CA SER A 366 -9.20 -53.02 6.11
C SER A 366 -7.72 -52.89 6.49
N PRO A 367 -7.17 -53.86 7.22
CA PRO A 367 -5.90 -53.62 7.92
C PRO A 367 -4.68 -53.44 7.03
N THR A 368 -4.38 -54.40 6.16
CA THR A 368 -3.16 -54.35 5.36
C THR A 368 -3.51 -54.34 3.86
N ALA A 369 -2.46 -54.23 3.05
CA ALA A 369 -2.64 -54.12 1.59
C ALA A 369 -3.31 -55.35 1.00
N VAL A 370 -3.11 -56.53 1.59
CA VAL A 370 -3.73 -57.74 1.06
C VAL A 370 -5.24 -57.73 1.34
N THR A 371 -5.63 -57.33 2.55
CA THR A 371 -7.05 -57.24 2.86
C THR A 371 -7.72 -56.08 2.15
N LYS A 372 -7.00 -54.97 1.98
CA LYS A 372 -7.54 -53.86 1.19
C LYS A 372 -7.78 -54.30 -0.24
N GLN A 373 -6.88 -55.12 -0.78
CA GLN A 373 -7.04 -55.61 -2.15
C GLN A 373 -8.31 -56.45 -2.31
N LYS A 374 -8.70 -57.19 -1.28
CA LYS A 374 -9.89 -58.03 -1.44
C LYS A 374 -11.17 -57.23 -1.24
N GLU A 375 -11.15 -56.18 -0.42
CA GLU A 375 -12.30 -55.29 -0.36
C GLU A 375 -12.43 -54.46 -1.63
N ILE A 376 -11.30 -54.11 -2.24
CA ILE A 376 -11.33 -53.45 -3.54
C ILE A 376 -11.94 -54.37 -4.58
N GLU A 377 -11.57 -55.65 -4.55
CA GLU A 377 -12.14 -56.61 -5.49
C GLU A 377 -13.65 -56.73 -5.32
N LEU A 378 -14.12 -56.82 -4.07
CA LEU A 378 -15.56 -56.91 -3.84
C LEU A 378 -16.28 -55.66 -4.33
N PHE A 379 -15.63 -54.50 -4.21
CA PHE A 379 -16.21 -53.25 -4.67
C PHE A 379 -16.42 -53.23 -6.18
N PHE A 380 -15.41 -53.71 -6.93
CA PHE A 380 -15.56 -53.74 -8.38
C PHE A 380 -16.64 -54.74 -8.78
N GLN A 381 -16.81 -55.80 -8.00
CA GLN A 381 -17.87 -56.75 -8.32
C GLN A 381 -19.22 -56.24 -7.97
N LEU A 382 -19.28 -55.35 -6.99
CA LEU A 382 -20.50 -54.61 -6.74
C LEU A 382 -20.84 -53.71 -7.94
N LEU A 383 -19.83 -53.00 -8.46
CA LEU A 383 -20.06 -52.18 -9.66
C LEU A 383 -20.46 -53.05 -10.83
N ALA A 384 -19.86 -54.23 -10.94
CA ALA A 384 -20.18 -55.15 -12.04
C ALA A 384 -21.62 -55.64 -11.97
N LYS A 385 -22.10 -55.99 -10.77
CA LYS A 385 -23.44 -56.57 -10.62
C LYS A 385 -24.51 -55.70 -11.25
N ALA A 386 -24.33 -54.37 -11.18
CA ALA A 386 -25.36 -53.45 -11.62
C ALA A 386 -25.18 -52.97 -13.05
N THR A 387 -24.12 -53.38 -13.75
CA THR A 387 -23.79 -52.82 -15.06
C THR A 387 -24.77 -53.19 -16.18
N PRO A 388 -25.31 -54.42 -16.25
CA PRO A 388 -26.29 -54.71 -17.31
C PRO A 388 -27.42 -53.70 -17.37
N LYS A 389 -28.04 -53.39 -16.23
CA LYS A 389 -29.18 -52.47 -16.19
C LYS A 389 -28.78 -51.00 -16.11
N LEU A 390 -27.54 -50.68 -15.69
CA LEU A 390 -27.18 -49.31 -15.39
C LEU A 390 -26.55 -48.58 -16.59
N ALA A 391 -26.30 -49.25 -17.73
CA ALA A 391 -25.90 -48.51 -18.94
C ALA A 391 -27.02 -48.35 -19.97
N SER A 392 -28.15 -49.02 -19.77
CA SER A 392 -29.33 -48.74 -20.57
C SER A 392 -30.16 -47.62 -19.98
N GLU A 393 -29.58 -46.84 -19.07
CA GLU A 393 -30.17 -45.62 -18.54
C GLU A 393 -29.20 -44.48 -18.87
N PRO A 394 -29.66 -43.39 -19.48
CA PRO A 394 -28.72 -42.40 -20.02
C PRO A 394 -27.97 -41.62 -18.95
N ALA A 395 -28.69 -40.93 -18.07
CA ALA A 395 -28.04 -40.06 -17.09
C ALA A 395 -27.24 -40.86 -16.06
N LEU A 396 -27.69 -42.05 -15.72
CA LEU A 396 -27.03 -42.79 -14.66
C LEU A 396 -25.74 -43.44 -15.14
N ARG A 397 -25.60 -43.72 -16.44
CA ARG A 397 -24.30 -44.16 -16.94
C ARG A 397 -23.26 -43.06 -16.78
N MET A 398 -23.66 -41.81 -17.02
CA MET A 398 -22.77 -40.68 -16.76
C MET A 398 -22.46 -40.57 -15.26
N SER A 399 -23.45 -40.86 -14.41
CA SER A 399 -23.22 -40.81 -12.98
C SER A 399 -22.25 -41.89 -12.53
N LEU A 400 -22.31 -43.07 -13.16
CA LEU A 400 -21.38 -44.14 -12.83
C LEU A 400 -19.94 -43.75 -13.17
N GLY A 401 -19.74 -43.06 -14.30
CA GLY A 401 -18.40 -42.67 -14.69
C GLY A 401 -17.75 -41.69 -13.74
N THR A 402 -18.49 -40.64 -13.35
CA THR A 402 -17.93 -39.68 -12.41
C THR A 402 -17.77 -40.28 -11.02
N LEU A 403 -18.71 -41.13 -10.61
CA LEU A 403 -18.55 -41.88 -9.37
C LEU A 403 -17.25 -42.66 -9.37
N PHE A 404 -16.96 -43.37 -10.47
CA PHE A 404 -15.74 -44.16 -10.55
C PHE A 404 -14.49 -43.29 -10.48
N SER A 405 -14.49 -42.15 -11.19
CA SER A 405 -13.31 -41.28 -11.17
C SER A 405 -13.11 -40.67 -9.79
N ASN A 406 -14.20 -40.31 -9.11
CA ASN A 406 -14.12 -39.89 -7.72
C ASN A 406 -13.47 -40.96 -6.87
N PHE A 407 -13.85 -42.22 -7.08
CA PHE A 407 -13.25 -43.32 -6.33
C PHE A 407 -11.75 -43.40 -6.59
N LEU A 408 -11.33 -43.29 -7.85
CA LEU A 408 -9.91 -43.33 -8.16
C LEU A 408 -9.16 -42.22 -7.46
N GLU A 409 -9.82 -41.07 -7.24
CA GLU A 409 -9.14 -39.94 -6.62
C GLU A 409 -8.89 -40.16 -5.14
N CYS A 410 -9.64 -41.05 -4.49
CA CYS A 410 -9.40 -41.37 -3.09
C CYS A 410 -8.68 -42.71 -2.91
N ILE A 411 -8.22 -43.33 -4.00
CA ILE A 411 -7.41 -44.55 -3.88
C ILE A 411 -6.09 -44.29 -3.13
N PRO A 412 -5.33 -43.23 -3.43
CA PRO A 412 -4.14 -42.96 -2.59
C PRO A 412 -4.47 -42.83 -1.11
N ALA A 413 -5.60 -42.19 -0.78
CA ALA A 413 -5.99 -42.09 0.62
C ALA A 413 -6.51 -43.42 1.16
N LEU A 414 -7.28 -44.16 0.36
CA LEU A 414 -7.88 -45.41 0.83
C LEU A 414 -6.83 -46.49 1.02
N MET A 415 -5.71 -46.41 0.31
CA MET A 415 -4.70 -47.46 0.35
C MET A 415 -3.81 -47.37 1.59
N VAL A 416 -3.85 -46.25 2.31
CA VAL A 416 -3.06 -46.13 3.53
C VAL A 416 -3.49 -47.20 4.54
N GLU A 417 -4.73 -47.67 4.44
CA GLU A 417 -5.12 -48.97 5.00
C GLU A 417 -6.42 -49.42 4.35
N GLY B 10 25.70 25.81 1.51
CA GLY B 10 24.78 26.59 0.68
C GLY B 10 24.81 26.11 -0.77
N VAL B 11 25.31 24.89 -0.97
CA VAL B 11 25.58 24.38 -2.31
C VAL B 11 24.33 24.33 -3.17
N ASN B 12 23.19 24.03 -2.56
CA ASN B 12 21.93 23.90 -3.29
C ASN B 12 20.76 23.96 -2.32
N MET B 13 20.36 25.15 -1.92
CA MET B 13 19.33 25.29 -0.90
C MET B 13 18.06 25.95 -1.43
N PHE B 14 18.01 26.27 -2.72
CA PHE B 14 16.81 26.88 -3.29
C PHE B 14 15.75 25.81 -3.51
N ASN B 15 14.64 25.93 -2.79
CA ASN B 15 13.55 24.97 -2.84
C ASN B 15 12.32 25.68 -3.37
N VAL B 16 11.57 25.01 -4.25
CA VAL B 16 10.36 25.59 -4.83
C VAL B 16 9.25 24.56 -4.68
N ASP B 17 8.17 24.96 -4.01
CA ASP B 17 7.05 24.09 -3.69
C ASP B 17 6.01 24.12 -4.80
N ASN B 18 4.98 23.30 -4.65
CA ASN B 18 3.85 23.28 -5.57
C ASN B 18 2.58 23.09 -4.75
N SER B 19 1.43 23.23 -5.41
CA SER B 19 0.14 23.12 -4.74
C SER B 19 -0.29 21.69 -4.56
N GLY B 20 0.52 20.73 -5.01
CA GLY B 20 0.09 19.41 -5.36
C GLY B 20 -1.03 18.85 -4.50
N LYS B 21 -2.12 18.45 -5.14
CA LYS B 21 -3.16 17.74 -4.42
C LYS B 21 -2.88 16.26 -4.45
N GLY B 22 -2.36 15.77 -5.57
CA GLY B 22 -1.97 14.39 -5.77
C GLY B 22 -0.96 14.40 -6.89
N ASN B 23 -0.78 15.59 -7.41
CA ASN B 23 0.04 15.85 -8.54
C ASN B 23 1.38 16.46 -8.25
N CYS B 24 1.91 16.31 -7.05
CA CYS B 24 3.19 16.91 -6.74
C CYS B 24 4.31 16.53 -7.63
N LEU B 25 4.38 15.29 -8.02
CA LEU B 25 5.46 14.85 -8.85
C LEU B 25 5.59 15.59 -10.11
N TYR B 26 4.50 15.66 -10.83
CA TYR B 26 4.49 16.26 -12.17
C TYR B 26 4.58 17.78 -12.10
N TYR B 27 3.97 18.41 -11.10
CA TYR B 27 4.21 19.82 -10.86
C TYR B 27 5.68 20.07 -10.60
N ALA B 28 6.29 19.27 -9.71
CA ALA B 28 7.69 19.46 -9.36
C ALA B 28 8.60 19.22 -10.56
N TYR B 29 8.32 18.20 -11.37
CA TYR B 29 9.11 17.97 -12.58
C TYR B 29 9.02 19.15 -13.53
N SER B 30 7.81 19.69 -13.72
CA SER B 30 7.61 20.77 -14.68
C SER B 30 8.28 22.05 -14.22
N ILE B 31 8.20 22.36 -12.93
CA ILE B 31 8.90 23.54 -12.40
C ILE B 31 10.40 23.37 -12.59
N SER B 32 10.93 22.21 -12.19
CA SER B 32 12.33 21.90 -12.39
C SER B 32 12.72 22.01 -13.86
N LEU B 33 11.83 21.57 -14.77
CA LEU B 33 12.15 21.62 -16.20
C LEU B 33 12.13 23.05 -16.72
N MET B 34 11.15 23.85 -16.30
CA MET B 34 11.03 25.20 -16.82
C MET B 34 12.21 26.08 -16.39
N TYR B 35 12.71 25.87 -15.17
CA TYR B 35 13.94 26.55 -14.77
C TYR B 35 15.10 26.12 -15.65
N TYR B 36 15.18 24.83 -16.00
CA TYR B 36 16.24 24.35 -16.87
C TYR B 36 16.15 24.98 -18.25
N LEU B 37 14.96 24.93 -18.86
CA LEU B 37 14.80 25.40 -20.24
C LEU B 37 15.14 26.88 -20.36
N ARG B 38 14.81 27.68 -19.34
CA ARG B 38 15.17 29.09 -19.37
C ARG B 38 16.68 29.27 -19.22
N ALA B 39 17.32 28.42 -18.40
CA ALA B 39 18.76 28.52 -18.24
C ALA B 39 19.49 28.11 -19.52
N LYS B 40 19.08 27.00 -20.12
CA LYS B 40 19.61 26.62 -21.43
C LYS B 40 18.78 27.31 -22.51
N ASN B 41 19.11 28.57 -22.77
CA ASN B 41 18.29 29.36 -23.68
C ASN B 41 18.50 28.87 -25.10
N ASN B 42 18.12 27.63 -25.37
CA ASN B 42 18.22 27.01 -26.68
C ASN B 42 16.80 26.82 -27.20
N VAL B 43 16.52 27.37 -28.38
CA VAL B 43 15.16 27.34 -28.87
C VAL B 43 14.76 25.98 -29.42
N LYS B 44 15.72 25.17 -29.87
CA LYS B 44 15.34 23.85 -30.38
C LYS B 44 15.30 22.77 -29.32
N ILE B 45 16.02 22.94 -28.20
CA ILE B 45 15.77 22.09 -27.04
C ILE B 45 14.36 22.35 -26.52
N THR B 46 14.02 23.62 -26.34
CA THR B 46 12.70 23.99 -25.83
C THR B 46 11.59 23.45 -26.73
N GLU B 47 11.74 23.64 -28.05
CA GLU B 47 10.68 23.23 -28.97
C GLU B 47 10.58 21.71 -29.11
N ASP B 48 11.69 20.99 -28.98
CA ASP B 48 11.63 19.54 -29.10
C ASP B 48 10.93 18.91 -27.90
N ILE B 49 11.22 19.40 -26.69
CA ILE B 49 10.52 18.91 -25.50
C ILE B 49 9.04 19.22 -25.58
N PHE B 50 8.69 20.43 -26.04
CA PHE B 50 7.29 20.79 -26.23
C PHE B 50 6.61 19.83 -27.19
N ASN B 51 7.32 19.44 -28.25
CA ASN B 51 6.78 18.46 -29.19
C ASN B 51 6.61 17.09 -28.54
N LYS B 52 7.57 16.69 -27.71
CA LYS B 52 7.46 15.43 -27.00
C LYS B 52 6.24 15.44 -26.07
N LEU B 53 5.94 16.58 -25.47
CA LEU B 53 4.81 16.72 -24.58
C LEU B 53 3.49 16.96 -25.31
N GLY B 54 3.49 17.03 -26.63
CA GLY B 54 2.25 17.19 -27.39
C GLY B 54 1.52 18.49 -27.13
N LEU B 55 2.25 19.54 -26.79
CA LEU B 55 1.63 20.81 -26.43
C LEU B 55 1.04 21.49 -27.66
N LYS B 56 -0.14 22.09 -27.50
CA LYS B 56 -0.68 22.94 -28.54
C LYS B 56 0.03 24.28 -28.55
N GLU B 57 -0.14 25.02 -29.66
CA GLU B 57 0.65 26.22 -29.89
C GLU B 57 0.31 27.33 -28.89
N GLU B 58 -0.96 27.42 -28.47
CA GLU B 58 -1.32 28.45 -27.50
C GLU B 58 -0.63 28.21 -26.16
N ASP B 59 -0.51 26.94 -25.74
CA ASP B 59 0.19 26.65 -24.50
C ASP B 59 1.69 26.90 -24.65
N ARG B 60 2.25 26.60 -25.82
CA ARG B 60 3.65 26.93 -26.06
C ARG B 60 3.87 28.42 -25.96
N ALA B 61 2.90 29.22 -26.42
CA ALA B 61 3.02 30.68 -26.35
C ALA B 61 3.11 31.16 -24.91
N ARG B 62 2.19 30.68 -24.05
CA ARG B 62 2.24 31.07 -22.65
C ARG B 62 3.54 30.65 -21.99
N LEU B 63 4.00 29.43 -22.27
CA LEU B 63 5.24 28.95 -21.67
C LEU B 63 6.44 29.69 -22.23
N ARG B 64 6.42 30.00 -23.54
CA ARG B 64 7.55 30.74 -24.12
C ARG B 64 7.64 32.16 -23.54
N LYS B 65 6.50 32.77 -23.23
CA LYS B 65 6.53 34.07 -22.58
C LYS B 65 7.06 33.95 -21.15
N LEU B 66 6.79 32.84 -20.47
CA LEU B 66 7.38 32.62 -19.16
C LEU B 66 8.89 32.40 -19.27
N LEU B 67 9.35 31.75 -20.35
CA LEU B 67 10.78 31.60 -20.56
C LEU B 67 11.44 32.92 -20.93
N SER B 68 10.65 33.89 -21.40
CA SER B 68 11.19 35.23 -21.66
C SER B 68 11.57 35.96 -20.39
N LYS B 69 11.12 35.47 -19.23
CA LYS B 69 11.32 36.19 -17.98
C LYS B 69 12.80 36.33 -17.65
N ASP B 70 13.16 37.49 -17.08
CA ASP B 70 14.50 37.84 -16.63
C ASP B 70 15.10 36.67 -15.86
N PRO B 71 16.21 36.11 -16.36
CA PRO B 71 16.73 34.87 -15.76
C PRO B 71 17.21 35.02 -14.32
N ASP B 72 17.27 36.24 -13.79
CA ASP B 72 17.71 36.47 -12.42
C ASP B 72 16.55 36.62 -11.44
N ARG B 73 15.33 36.40 -11.89
CA ARG B 73 14.14 36.51 -11.04
C ARG B 73 13.39 35.19 -11.05
N ALA B 74 13.01 34.72 -9.86
CA ALA B 74 12.33 33.44 -9.75
C ALA B 74 10.92 33.55 -10.31
N PHE B 75 10.39 32.40 -10.69
CA PHE B 75 8.98 32.35 -11.09
C PHE B 75 8.11 32.56 -9.85
N THR B 76 7.05 33.35 -10.00
CA THR B 76 6.18 33.65 -8.88
C THR B 76 5.15 32.55 -8.66
N ARG B 77 4.42 32.58 -7.52
CA ARG B 77 3.45 31.51 -7.27
C ARG B 77 2.34 31.57 -8.30
N ASP B 78 2.03 32.77 -8.76
CA ASP B 78 0.92 32.87 -9.68
C ASP B 78 1.31 32.36 -11.04
N GLU B 79 2.52 32.67 -11.48
CA GLU B 79 3.03 32.09 -12.71
C GLU B 79 3.06 30.57 -12.59
N ILE B 80 3.50 30.06 -11.44
CA ILE B 80 3.55 28.61 -11.25
C ILE B 80 2.14 28.03 -11.24
N LYS B 81 1.22 28.67 -10.50
CA LYS B 81 -0.08 28.07 -10.21
C LYS B 81 -1.06 28.18 -11.38
N THR B 82 -0.88 29.18 -12.23
CA THR B 82 -1.82 29.49 -13.30
C THR B 82 -1.30 29.16 -14.70
N ILE B 83 0.00 28.94 -14.85
CA ILE B 83 0.62 28.76 -16.16
C ILE B 83 1.38 27.44 -16.22
N ILE B 84 2.21 27.16 -15.22
CA ILE B 84 3.12 26.02 -15.29
C ILE B 84 2.41 24.72 -14.90
N GLU B 85 1.76 24.68 -13.72
CA GLU B 85 1.18 23.41 -13.31
C GLU B 85 -0.06 23.03 -14.11
N PRO B 86 -0.97 23.95 -14.47
CA PRO B 86 -2.12 23.52 -15.29
C PRO B 86 -1.72 22.99 -16.66
N ILE B 87 -0.70 23.59 -17.29
CA ILE B 87 -0.30 23.14 -18.62
C ILE B 87 0.61 21.92 -18.53
N LEU B 88 1.72 22.05 -17.82
CA LEU B 88 2.74 21.02 -17.82
C LEU B 88 2.46 19.88 -16.85
N GLY B 89 1.62 20.11 -15.84
CA GLY B 89 1.27 19.03 -14.92
C GLY B 89 0.56 17.88 -15.62
N ARG B 90 -0.45 18.22 -16.44
CA ARG B 90 -1.16 17.18 -17.19
C ARG B 90 -0.32 16.66 -18.34
N ALA B 91 0.43 17.54 -19.01
CA ALA B 91 1.22 17.12 -20.15
C ALA B 91 2.29 16.10 -19.75
N THR B 92 3.01 16.38 -18.66
CA THR B 92 4.02 15.43 -18.21
C THR B 92 3.38 14.16 -17.66
N ARG B 93 2.23 14.28 -17.00
CA ARG B 93 1.52 13.07 -16.54
C ARG B 93 1.13 12.19 -17.72
N ASP B 94 0.59 12.81 -18.77
CA ASP B 94 0.21 12.04 -19.96
C ASP B 94 1.42 11.36 -20.59
N LEU B 95 2.53 12.09 -20.74
CA LEU B 95 3.71 11.51 -21.38
C LEU B 95 4.29 10.38 -20.54
N ALA B 96 4.29 10.53 -19.21
CA ALA B 96 4.84 9.50 -18.35
C ALA B 96 4.01 8.22 -18.40
N ALA B 97 2.67 8.37 -18.37
CA ALA B 97 1.81 7.19 -18.45
C ALA B 97 1.92 6.52 -19.83
N GLU B 98 2.00 7.32 -20.89
CA GLU B 98 2.01 6.76 -22.23
C GLU B 98 3.34 6.09 -22.56
N HIS B 99 4.46 6.72 -22.16
CA HIS B 99 5.76 6.12 -22.43
C HIS B 99 5.98 4.86 -21.62
N THR B 100 5.28 4.67 -20.52
CA THR B 100 5.30 3.39 -19.83
C THR B 100 4.82 2.27 -20.75
N LYS B 101 3.68 2.50 -21.43
CA LYS B 101 3.18 1.51 -22.38
C LYS B 101 4.07 1.42 -23.61
N VAL B 102 4.61 2.55 -24.07
CA VAL B 102 5.50 2.52 -25.24
C VAL B 102 6.70 1.61 -24.95
N GLU B 103 7.35 1.82 -23.82
CA GLU B 103 8.47 0.98 -23.43
C GLU B 103 8.07 -0.49 -23.35
N PHE B 104 6.89 -0.77 -22.79
CA PHE B 104 6.46 -2.16 -22.69
C PHE B 104 6.26 -2.78 -24.05
N LYS B 105 5.70 -2.01 -25.00
CA LYS B 105 5.51 -2.54 -26.34
C LYS B 105 6.83 -2.70 -27.08
N SER B 106 7.81 -1.83 -26.79
CA SER B 106 9.11 -1.93 -27.45
C SER B 106 9.83 -3.20 -27.04
N SER B 107 9.99 -3.43 -25.74
CA SER B 107 10.69 -4.60 -25.22
C SER B 107 10.14 -4.89 -23.84
N PRO B 108 9.14 -5.77 -23.74
CA PRO B 108 8.41 -5.94 -22.46
C PRO B 108 9.31 -6.40 -21.32
N HIS B 109 10.28 -7.28 -21.61
CA HIS B 109 11.11 -7.85 -20.56
C HIS B 109 11.98 -6.80 -19.89
N ASP B 110 12.29 -5.71 -20.58
CA ASP B 110 13.16 -4.67 -20.04
C ASP B 110 12.40 -3.68 -19.17
N THR B 111 11.11 -3.84 -19.01
CA THR B 111 10.36 -2.76 -18.37
C THR B 111 10.29 -2.96 -16.86
N PRO B 112 10.28 -1.87 -16.11
CA PRO B 112 10.08 -1.99 -14.66
C PRO B 112 8.76 -2.66 -14.32
N LEU B 113 7.72 -2.44 -15.13
CA LEU B 113 6.45 -3.14 -14.93
C LEU B 113 6.66 -4.65 -14.90
N PHE B 114 7.36 -5.19 -15.90
CA PHE B 114 7.56 -6.63 -15.95
C PHE B 114 8.40 -7.13 -14.78
N SER B 115 9.53 -6.48 -14.52
CA SER B 115 10.43 -6.95 -13.47
C SER B 115 9.77 -6.87 -12.10
N SER B 116 8.82 -5.95 -11.91
CA SER B 116 8.19 -5.85 -10.60
C SER B 116 6.98 -6.77 -10.48
N LEU B 117 6.17 -6.87 -11.53
CA LEU B 117 4.98 -7.71 -11.46
C LEU B 117 5.32 -9.19 -11.46
N HIS B 118 6.42 -9.59 -12.10
CA HIS B 118 6.72 -11.02 -12.20
C HIS B 118 6.89 -11.65 -10.82
N TYR B 119 7.28 -10.85 -9.82
CA TYR B 119 7.39 -11.36 -8.46
C TYR B 119 6.07 -11.95 -7.98
N ALA B 120 4.97 -11.22 -8.15
CA ALA B 120 3.66 -11.77 -7.80
C ALA B 120 3.30 -12.97 -8.66
N VAL B 121 3.66 -12.92 -9.94
CA VAL B 121 3.33 -14.02 -10.84
C VAL B 121 4.04 -15.30 -10.41
N GLU B 122 5.33 -15.19 -10.08
CA GLU B 122 6.06 -16.38 -9.64
C GLU B 122 5.51 -16.91 -8.32
N PHE B 123 5.20 -16.01 -7.37
CA PHE B 123 4.60 -16.42 -6.12
C PHE B 123 3.27 -17.13 -6.34
N GLY B 124 2.38 -16.50 -7.12
CA GLY B 124 1.07 -17.08 -7.35
C GLY B 124 1.14 -18.44 -8.02
N PHE B 125 2.03 -18.59 -8.99
CA PHE B 125 2.17 -19.88 -9.66
C PHE B 125 2.73 -20.93 -8.72
N LYS B 126 3.59 -20.55 -7.78
CA LYS B 126 4.01 -21.48 -6.74
C LYS B 126 2.80 -22.01 -5.97
N ARG B 127 1.92 -21.11 -5.54
CA ARG B 127 0.75 -21.52 -4.75
C ARG B 127 -0.21 -22.37 -5.57
N SER B 128 -0.47 -21.97 -6.82
CA SER B 128 -1.45 -22.71 -7.62
C SER B 128 -0.90 -24.06 -8.05
N LEU B 129 0.40 -24.14 -8.36
CA LEU B 129 1.01 -25.42 -8.70
C LEU B 129 0.85 -26.42 -7.56
N GLN B 130 0.97 -25.94 -6.32
CA GLN B 130 0.82 -26.83 -5.18
C GLN B 130 -0.64 -27.19 -4.93
N ILE B 131 -1.57 -26.25 -5.19
CA ILE B 131 -2.99 -26.59 -5.11
C ILE B 131 -3.31 -27.70 -6.10
N ASN B 132 -2.61 -27.71 -7.24
CA ASN B 132 -2.77 -28.74 -8.25
C ASN B 132 -1.95 -29.98 -7.96
N GLU B 133 -1.33 -30.08 -6.78
CA GLU B 133 -0.53 -31.24 -6.38
C GLU B 133 0.54 -31.55 -7.42
N SER B 134 1.24 -30.51 -7.86
CA SER B 134 2.35 -30.63 -8.78
C SER B 134 3.65 -30.38 -8.05
N GLU B 135 4.69 -31.14 -8.39
CA GLU B 135 5.95 -30.95 -7.68
C GLU B 135 6.74 -29.76 -8.24
N LEU B 136 6.24 -29.10 -9.29
CA LEU B 136 6.91 -27.91 -9.79
C LEU B 136 6.91 -26.78 -8.77
N THR B 137 6.01 -26.82 -7.80
CA THR B 137 5.98 -25.83 -6.73
C THR B 137 7.28 -25.80 -5.93
N LEU B 138 8.07 -26.88 -5.99
CA LEU B 138 9.34 -26.92 -5.27
C LEU B 138 10.44 -26.15 -5.99
N LEU B 139 10.30 -25.91 -7.29
CA LEU B 139 11.35 -25.25 -8.07
C LEU B 139 11.37 -23.75 -7.87
N ILE B 140 10.47 -23.21 -7.05
CA ILE B 140 10.33 -21.78 -6.84
C ILE B 140 10.66 -21.47 -5.39
N ASP B 141 11.46 -20.42 -5.17
CA ASP B 141 11.67 -19.87 -3.84
C ASP B 141 11.16 -18.43 -3.85
N ASN B 142 10.09 -18.19 -3.09
CA ASN B 142 9.35 -16.94 -3.16
C ASN B 142 8.23 -16.94 -2.11
N ASP B 143 8.28 -16.02 -1.15
CA ASP B 143 7.21 -15.86 -0.17
C ASP B 143 6.57 -14.47 -0.22
N PHE B 144 6.80 -13.72 -1.31
CA PHE B 144 6.18 -12.41 -1.51
C PHE B 144 6.44 -11.46 -0.34
N SER B 145 7.65 -11.51 0.21
CA SER B 145 8.02 -10.65 1.33
C SER B 145 9.04 -9.58 0.98
N ASN B 146 9.66 -9.65 -0.18
CA ASN B 146 10.69 -8.69 -0.57
C ASN B 146 10.10 -7.31 -0.81
N PRO B 147 10.41 -6.31 0.01
CA PRO B 147 9.88 -4.96 -0.24
C PRO B 147 10.42 -4.32 -1.50
N ASP B 148 11.59 -4.74 -1.98
CA ASP B 148 12.11 -4.23 -3.25
C ASP B 148 11.11 -4.41 -4.38
N TYR B 149 10.24 -5.41 -4.28
CA TYR B 149 9.22 -5.67 -5.29
C TYR B 149 7.82 -5.29 -4.84
N THR B 150 7.42 -5.59 -3.61
CA THR B 150 6.04 -5.42 -3.19
C THR B 150 5.62 -3.95 -3.14
N GLU B 151 6.58 -3.02 -3.11
CA GLU B 151 6.26 -1.60 -3.06
C GLU B 151 6.14 -0.98 -4.44
N ALA B 152 6.08 -1.81 -5.49
CA ALA B 152 5.91 -1.29 -6.84
C ALA B 152 4.51 -0.74 -7.05
N GLU B 153 4.38 0.18 -8.01
CA GLU B 153 3.11 0.83 -8.25
C GLU B 153 2.06 -0.13 -8.79
N ILE B 154 2.49 -1.16 -9.53
CA ILE B 154 1.55 -2.11 -10.13
C ILE B 154 0.66 -2.75 -9.07
N TYR B 155 1.19 -2.97 -7.85
CA TYR B 155 0.41 -3.61 -6.79
C TYR B 155 -0.54 -2.64 -6.11
N LYS B 156 -0.49 -1.35 -6.43
CA LYS B 156 -1.46 -0.39 -5.93
C LYS B 156 -2.62 -0.16 -6.91
N VAL B 157 -2.63 -0.85 -8.04
CA VAL B 157 -3.75 -0.75 -8.97
C VAL B 157 -4.88 -1.63 -8.46
N SER B 158 -6.07 -1.05 -8.33
CA SER B 158 -7.18 -1.73 -7.68
C SER B 158 -7.62 -2.95 -8.47
N GLY B 159 -7.70 -4.09 -7.79
CA GLY B 159 -8.17 -5.32 -8.39
C GLY B 159 -7.19 -6.04 -9.29
N LEU B 160 -6.02 -5.45 -9.57
CA LEU B 160 -5.10 -6.11 -10.50
C LEU B 160 -4.68 -7.48 -9.96
N LEU B 161 -4.36 -7.54 -8.67
CA LEU B 161 -3.96 -8.82 -8.08
C LEU B 161 -5.14 -9.79 -8.02
N ASP B 162 -6.36 -9.29 -7.86
CA ASP B 162 -7.53 -10.16 -7.99
C ASP B 162 -7.57 -10.79 -9.38
N ALA B 163 -7.45 -9.97 -10.42
CA ALA B 163 -7.45 -10.47 -11.78
C ALA B 163 -6.26 -11.39 -12.04
N LEU B 164 -5.10 -11.06 -11.49
CA LEU B 164 -3.94 -11.93 -11.66
C LEU B 164 -4.17 -13.27 -11.00
N GLN B 165 -4.93 -13.30 -9.90
CA GLN B 165 -5.15 -14.56 -9.20
C GLN B 165 -6.05 -15.49 -10.01
N GLU B 166 -7.04 -14.94 -10.70
CA GLU B 166 -7.93 -15.77 -11.49
C GLU B 166 -7.28 -16.21 -12.80
N TYR B 167 -6.39 -15.39 -13.36
CA TYR B 167 -5.62 -15.80 -14.53
C TYR B 167 -4.70 -16.97 -14.19
N ILE B 168 -3.98 -16.86 -13.06
CA ILE B 168 -2.99 -17.88 -12.70
C ILE B 168 -3.67 -19.21 -12.41
N LEU B 169 -4.78 -19.19 -11.68
CA LEU B 169 -5.47 -20.43 -11.36
C LEU B 169 -6.03 -21.08 -12.62
N THR B 170 -6.50 -20.26 -13.56
CA THR B 170 -6.97 -20.79 -14.83
C THR B 170 -5.84 -21.44 -15.61
N ARG B 171 -4.69 -20.79 -15.67
CA ARG B 171 -3.65 -21.14 -16.62
C ARG B 171 -2.67 -22.17 -16.08
N THR B 172 -2.82 -22.57 -14.83
CA THR B 172 -1.87 -23.50 -14.22
C THR B 172 -1.80 -24.84 -14.95
N PRO B 173 -2.92 -25.52 -15.25
CA PRO B 173 -2.78 -26.82 -15.96
C PRO B 173 -2.02 -26.74 -17.26
N SER B 174 -2.22 -25.70 -18.06
CA SER B 174 -1.48 -25.59 -19.31
C SER B 174 0.00 -25.36 -19.06
N VAL B 175 0.34 -24.62 -18.00
CA VAL B 175 1.74 -24.41 -17.66
C VAL B 175 2.40 -25.74 -17.31
N ILE B 176 1.69 -26.60 -16.57
CA ILE B 176 2.24 -27.91 -16.23
C ILE B 176 2.47 -28.72 -17.50
N GLU B 177 1.50 -28.71 -18.42
CA GLU B 177 1.63 -29.48 -19.64
C GLU B 177 2.73 -28.91 -20.53
N GLU B 178 2.85 -27.59 -20.60
CA GLU B 178 3.93 -27.00 -21.40
C GLU B 178 5.29 -27.32 -20.82
N PHE B 179 5.42 -27.35 -19.48
CA PHE B 179 6.68 -27.73 -18.87
C PHE B 179 7.05 -29.17 -19.24
N ASN B 180 6.08 -30.09 -19.12
CA ASN B 180 6.36 -31.49 -19.42
C ASN B 180 6.88 -31.68 -20.84
N ARG B 181 6.29 -31.00 -21.82
CA ARG B 181 6.76 -31.12 -23.19
C ARG B 181 8.22 -30.68 -23.29
N GLN B 182 8.54 -29.51 -22.72
CA GLN B 182 9.89 -28.98 -22.85
C GLN B 182 10.91 -29.78 -22.05
N TRP B 183 10.49 -30.41 -20.95
CA TRP B 183 11.42 -31.20 -20.17
C TRP B 183 11.67 -32.55 -20.84
N GLU B 184 10.63 -33.14 -21.43
CA GLU B 184 10.81 -34.30 -22.31
C GLU B 184 11.83 -34.00 -23.41
N ASN B 185 11.70 -32.84 -24.06
CA ASN B 185 12.63 -32.49 -25.13
C ASN B 185 14.06 -32.34 -24.62
N LYS B 186 14.22 -31.75 -23.42
CA LYS B 186 15.56 -31.53 -22.90
C LYS B 186 16.18 -32.83 -22.39
N LYS B 187 15.37 -33.77 -21.91
CA LYS B 187 15.91 -35.08 -21.53
C LYS B 187 16.46 -35.81 -22.76
N GLN B 188 15.74 -35.77 -23.87
CA GLN B 188 16.21 -36.40 -25.10
C GLN B 188 17.38 -35.66 -25.72
N GLU B 189 17.54 -34.37 -25.40
CA GLU B 189 18.72 -33.63 -25.83
C GLU B 189 19.94 -33.92 -24.95
N LEU B 190 19.72 -34.37 -23.72
CA LEU B 190 20.81 -34.74 -22.81
C LEU B 190 20.79 -36.25 -22.56
N LYS B 191 20.36 -37.02 -23.57
CA LYS B 191 20.30 -38.48 -23.48
C LYS B 191 21.65 -39.06 -23.07
N GLU B 192 22.72 -38.57 -23.70
CA GLU B 192 24.07 -39.12 -23.66
C GLU B 192 24.87 -38.65 -22.46
N GLN B 193 24.32 -37.79 -21.63
CA GLN B 193 24.95 -37.32 -20.42
C GLN B 193 24.29 -37.93 -19.17
N SER B 194 25.07 -38.04 -18.12
CA SER B 194 24.62 -38.59 -16.85
C SER B 194 24.59 -37.42 -15.87
N LEU B 195 23.39 -36.93 -15.60
CA LEU B 195 23.18 -35.69 -14.86
C LEU B 195 22.90 -36.06 -13.41
N THR B 196 23.60 -35.42 -12.48
CA THR B 196 23.21 -35.59 -11.08
C THR B 196 21.83 -35.00 -10.78
N GLU B 197 21.36 -35.28 -9.55
CA GLU B 197 20.18 -34.59 -9.00
C GLU B 197 20.35 -33.10 -8.92
N LYS B 198 21.58 -32.62 -8.81
CA LYS B 198 21.80 -31.19 -8.74
C LYS B 198 21.57 -30.52 -10.09
N GLU B 199 22.19 -31.05 -11.14
CA GLU B 199 22.06 -30.45 -12.46
C GLU B 199 20.63 -30.55 -12.99
N ILE B 200 19.96 -31.67 -12.75
CA ILE B 200 18.60 -31.84 -13.27
C ILE B 200 17.66 -30.81 -12.68
N GLN B 201 17.89 -30.42 -11.43
CA GLN B 201 17.00 -29.44 -10.79
C GLN B 201 17.23 -28.04 -11.35
N VAL B 202 18.48 -27.71 -11.68
CA VAL B 202 18.77 -26.42 -12.29
C VAL B 202 18.15 -26.34 -13.68
N HIS B 203 18.24 -27.42 -14.46
CA HIS B 203 17.64 -27.42 -15.80
C HIS B 203 16.13 -27.22 -15.73
N GLN B 204 15.47 -27.89 -14.77
CA GLN B 204 14.02 -27.77 -14.65
C GLN B 204 13.63 -26.35 -14.22
N ALA B 205 14.35 -25.79 -13.25
CA ALA B 205 14.05 -24.43 -12.79
C ALA B 205 14.15 -23.43 -13.93
N THR B 206 15.12 -23.62 -14.83
CA THR B 206 15.26 -22.70 -15.97
C THR B 206 14.09 -22.81 -16.92
N ILE B 207 13.64 -24.04 -17.22
CA ILE B 207 12.52 -24.23 -18.12
C ILE B 207 11.26 -23.58 -17.54
N LEU B 208 11.01 -23.81 -16.25
CA LEU B 208 9.86 -23.20 -15.59
C LEU B 208 10.01 -21.69 -15.53
N ASP B 209 11.22 -21.21 -15.23
CA ASP B 209 11.48 -19.76 -15.19
C ASP B 209 11.06 -19.10 -16.50
N ASN B 210 11.51 -19.64 -17.62
CA ASN B 210 11.23 -19.03 -18.92
C ASN B 210 9.74 -19.06 -19.25
N ILE B 211 9.04 -20.14 -18.89
CA ILE B 211 7.60 -20.21 -19.15
C ILE B 211 6.86 -19.16 -18.32
N LEU B 212 7.20 -19.06 -17.03
CA LEU B 212 6.50 -18.12 -16.16
C LEU B 212 6.75 -16.67 -16.57
N ARG B 213 7.94 -16.36 -17.09
CA ARG B 213 8.20 -15.01 -17.57
C ARG B 213 7.24 -14.63 -18.70
N LYS B 214 6.98 -15.55 -19.63
CA LYS B 214 6.01 -15.25 -20.69
C LYS B 214 4.60 -15.15 -20.14
N GLU B 215 4.31 -15.89 -19.05
CA GLU B 215 3.00 -15.76 -18.41
C GLU B 215 2.75 -14.33 -17.95
N THR B 216 3.77 -13.67 -17.40
CA THR B 216 3.60 -12.29 -16.94
C THR B 216 3.28 -11.36 -18.11
N ILE B 217 4.00 -11.49 -19.22
CA ILE B 217 3.75 -10.64 -20.38
C ILE B 217 2.40 -10.96 -21.02
N ASP B 218 2.06 -12.25 -21.09
CA ASP B 218 0.79 -12.63 -21.71
C ASP B 218 -0.39 -12.08 -20.93
N PHE B 219 -0.29 -12.09 -19.59
CA PHE B 219 -1.32 -11.53 -18.74
C PHE B 219 -1.56 -10.06 -19.06
N LEU B 220 -0.49 -9.28 -19.17
CA LEU B 220 -0.62 -7.87 -19.49
C LEU B 220 -1.10 -7.63 -20.93
N LEU B 221 -0.72 -8.49 -21.87
CA LEU B 221 -1.07 -8.26 -23.28
C LEU B 221 -2.43 -8.83 -23.68
N ALA B 222 -2.96 -9.80 -22.93
CA ALA B 222 -4.16 -10.52 -23.34
C ALA B 222 -5.38 -9.58 -23.41
N GLU B 223 -6.38 -10.02 -24.16
CA GLU B 223 -7.67 -9.33 -24.31
C GLU B 223 -7.47 -7.87 -24.71
N ASN B 224 -6.84 -7.69 -25.87
CA ASN B 224 -6.39 -6.39 -26.37
C ASN B 224 -5.78 -5.55 -25.26
N GLU B 225 -4.74 -6.11 -24.61
CA GLU B 225 -3.89 -5.35 -23.70
C GLU B 225 -4.70 -4.73 -22.56
N LYS B 226 -5.69 -5.48 -22.07
CA LYS B 226 -6.60 -4.94 -21.06
C LYS B 226 -5.85 -4.48 -19.81
N HIS B 227 -5.06 -5.37 -19.21
CA HIS B 227 -4.41 -5.02 -17.96
C HIS B 227 -3.26 -4.03 -18.18
N LEU B 228 -2.56 -4.14 -19.30
CA LEU B 228 -1.55 -3.12 -19.62
C LEU B 228 -2.19 -1.74 -19.70
N ASP B 229 -3.35 -1.65 -20.35
CA ASP B 229 -4.03 -0.36 -20.45
C ASP B 229 -4.53 0.11 -19.09
N GLU B 230 -4.97 -0.82 -18.23
CA GLU B 230 -5.38 -0.45 -16.88
C GLU B 230 -4.25 0.25 -16.13
N TYR B 231 -3.02 -0.26 -16.28
CA TYR B 231 -1.87 0.37 -15.62
C TYR B 231 -1.60 1.76 -16.20
N ARG B 232 -1.67 1.91 -17.51
CA ARG B 232 -1.43 3.21 -18.12
C ARG B 232 -2.43 4.26 -17.63
N GLU B 233 -3.72 3.91 -17.62
CA GLU B 233 -4.72 4.88 -17.21
C GLU B 233 -4.73 5.09 -15.70
N HIS B 234 -4.30 4.10 -14.91
CA HIS B 234 -4.10 4.34 -13.49
C HIS B 234 -3.04 5.41 -13.26
N LEU B 235 -1.90 5.29 -13.95
CA LEU B 235 -0.84 6.30 -13.83
C LEU B 235 -1.32 7.66 -14.30
N ARG B 236 -2.28 7.69 -15.22
CA ARG B 236 -2.71 8.90 -15.90
C ARG B 236 -3.86 9.59 -15.18
N ARG B 237 -4.50 8.92 -14.23
CA ARG B 237 -5.67 9.49 -13.56
C ARG B 237 -5.27 10.67 -12.70
N GLU B 238 -6.08 11.72 -12.74
CA GLU B 238 -5.82 12.93 -11.97
C GLU B 238 -5.67 12.61 -10.50
N PHE B 239 -4.64 13.19 -9.89
CA PHE B 239 -4.32 13.15 -8.46
C PHE B 239 -3.69 11.83 -7.99
N VAL B 240 -3.45 10.86 -8.86
CA VAL B 240 -2.80 9.62 -8.43
C VAL B 240 -1.33 9.92 -8.11
N TRP B 241 -0.88 9.44 -6.95
CA TRP B 241 0.48 9.75 -6.50
C TRP B 241 1.51 9.12 -7.43
N GLY B 242 2.44 9.94 -7.90
CA GLY B 242 3.51 9.44 -8.75
C GLY B 242 4.61 8.79 -7.93
N SER B 243 5.13 7.68 -8.45
CA SER B 243 6.28 7.01 -7.88
C SER B 243 7.53 7.31 -8.70
N GLU B 244 8.69 6.97 -8.14
CA GLU B 244 9.93 7.30 -8.82
C GLU B 244 10.19 6.41 -10.03
N GLU B 245 9.55 5.23 -10.10
CA GLU B 245 9.57 4.46 -11.34
C GLU B 245 9.08 5.29 -12.51
N THR B 246 8.00 6.04 -12.31
CA THR B 246 7.42 6.80 -13.40
C THR B 246 8.18 8.10 -13.64
N LEU B 247 8.84 8.63 -12.61
CA LEU B 247 9.75 9.75 -12.84
C LEU B 247 10.86 9.38 -13.82
N MET B 248 11.34 8.14 -13.76
CA MET B 248 12.49 7.77 -14.57
C MET B 248 12.04 7.45 -15.99
N VAL B 249 10.93 6.73 -16.11
CA VAL B 249 10.26 6.60 -17.40
C VAL B 249 10.05 7.96 -18.04
N LEU B 250 9.57 8.94 -17.25
CA LEU B 250 9.30 10.26 -17.80
C LEU B 250 10.57 10.95 -18.29
N HIS B 251 11.66 10.85 -17.52
CA HIS B 251 12.89 11.51 -17.94
C HIS B 251 13.52 10.84 -19.15
N ARG B 252 13.39 9.51 -19.26
CA ARG B 252 13.81 8.84 -20.49
C ARG B 252 13.04 9.40 -21.68
N ALA B 253 11.74 9.61 -21.53
CA ALA B 253 10.93 10.14 -22.62
C ALA B 253 11.33 11.56 -22.97
N ILE B 254 11.50 12.41 -21.96
CA ILE B 254 11.80 13.81 -22.19
C ILE B 254 13.14 13.97 -22.92
N GLN B 255 14.12 13.15 -22.55
CA GLN B 255 15.41 13.18 -23.23
C GLN B 255 15.38 12.51 -24.60
N GLY B 256 14.33 11.77 -24.91
CA GLY B 256 14.34 11.02 -26.15
C GLY B 256 15.31 9.86 -26.16
N GLU B 257 15.43 9.14 -25.05
CA GLU B 257 16.36 8.03 -24.98
C GLU B 257 15.89 6.90 -25.87
N ARG B 258 16.80 6.37 -26.68
CA ARG B 258 16.55 5.19 -27.49
C ARG B 258 17.73 4.25 -27.34
N MET B 259 17.43 2.97 -27.15
CA MET B 259 18.46 1.94 -27.10
C MET B 259 18.61 1.41 -28.53
N VAL B 260 19.75 1.66 -29.15
CA VAL B 260 19.89 1.43 -30.57
C VAL B 260 21.11 0.54 -30.80
N ARG B 261 20.96 -0.38 -31.75
CA ARG B 261 21.98 -1.35 -32.07
C ARG B 261 22.90 -0.79 -33.14
N ASN B 262 24.05 -1.45 -33.26
CA ASN B 262 25.30 -0.90 -33.76
C ASN B 262 25.71 -1.63 -35.04
N HIS B 263 26.81 -1.16 -35.63
CA HIS B 263 27.40 -1.90 -36.73
C HIS B 263 27.90 -3.24 -36.24
N GLU B 264 28.60 -3.23 -35.11
CA GLU B 264 29.16 -4.44 -34.50
C GLU B 264 28.10 -5.28 -33.80
N GLY B 265 26.90 -4.77 -33.65
CA GLY B 265 25.83 -5.48 -32.99
C GLY B 265 25.65 -5.20 -31.50
N ARG B 266 26.36 -4.24 -30.98
CA ARG B 266 26.26 -3.92 -29.58
C ARG B 266 25.26 -2.79 -29.33
N ILE B 267 24.51 -2.83 -28.23
CA ILE B 267 23.51 -1.81 -27.97
C ILE B 267 24.09 -0.73 -27.06
N GLU B 268 23.81 0.54 -27.38
CA GLU B 268 24.21 1.68 -26.61
C GLU B 268 23.07 2.69 -26.58
N PRO B 269 22.92 3.44 -25.48
CA PRO B 269 21.84 4.44 -25.41
C PRO B 269 22.16 5.68 -26.21
N VAL B 270 21.16 6.17 -26.92
CA VAL B 270 21.28 7.38 -27.74
C VAL B 270 20.19 8.36 -27.30
N TYR B 271 20.57 9.62 -27.14
CA TYR B 271 19.67 10.66 -26.66
C TYR B 271 19.47 11.74 -27.70
N ASP B 272 18.29 12.36 -27.66
CA ASP B 272 18.08 13.63 -28.35
C ASP B 272 18.67 14.79 -27.56
N HIS B 273 18.34 14.88 -26.28
CA HIS B 273 18.78 15.97 -25.41
C HIS B 273 19.09 15.41 -24.04
N GLU B 274 20.36 15.38 -23.68
CA GLU B 274 20.78 14.87 -22.38
C GLU B 274 20.55 15.90 -21.28
N ILE B 275 19.89 15.48 -20.21
CA ILE B 275 19.67 16.32 -19.02
C ILE B 275 19.97 15.47 -17.80
N ILE B 276 20.88 15.94 -16.95
CA ILE B 276 21.26 15.22 -15.74
C ILE B 276 20.21 15.46 -14.67
N LEU B 277 19.56 14.39 -14.22
CA LEU B 277 18.53 14.44 -13.19
C LEU B 277 19.04 13.74 -11.93
N HIS B 278 18.81 14.37 -10.77
CA HIS B 278 19.08 13.76 -9.48
C HIS B 278 17.80 13.72 -8.64
N VAL B 279 17.78 12.78 -7.70
CA VAL B 279 16.68 12.64 -6.75
C VAL B 279 17.24 12.83 -5.33
N HIS B 280 16.69 13.79 -4.60
CA HIS B 280 17.06 14.01 -3.20
C HIS B 280 15.98 13.47 -2.29
N ARG B 281 16.37 13.13 -1.06
CA ARG B 281 15.46 12.63 -0.05
C ARG B 281 15.49 13.57 1.15
N ASN B 282 14.33 14.12 1.50
CA ASN B 282 14.17 15.00 2.66
C ASN B 282 15.22 16.12 2.67
N GLY B 283 15.44 16.70 1.49
CA GLY B 283 16.37 17.81 1.34
C GLY B 283 17.82 17.44 1.18
N ALA B 284 18.21 16.22 1.54
CA ALA B 284 19.62 15.84 1.56
C ALA B 284 20.05 15.26 0.22
N SER B 285 21.19 15.73 -0.27
CA SER B 285 21.80 15.14 -1.45
C SER B 285 22.36 13.76 -1.12
N PRO B 286 22.58 12.92 -2.14
CA PRO B 286 23.18 11.60 -1.89
C PRO B 286 24.55 11.70 -1.22
N SER B 287 24.89 10.67 -0.45
CA SER B 287 26.20 10.59 0.20
C SER B 287 27.33 10.52 -0.82
N TYR B 288 27.10 9.88 -1.96
CA TYR B 288 28.14 9.66 -2.96
C TYR B 288 28.20 10.82 -3.93
N GLN B 289 29.25 10.83 -4.74
CA GLN B 289 29.45 11.88 -5.74
C GLN B 289 28.96 11.39 -7.09
N ALA B 290 27.97 12.08 -7.64
CA ALA B 290 27.58 11.87 -9.03
C ALA B 290 27.92 13.12 -9.81
N GLY B 291 27.07 13.53 -10.75
CA GLY B 291 27.32 14.72 -11.51
C GLY B 291 26.95 15.97 -10.73
N SER B 292 27.15 17.11 -11.38
CA SER B 292 26.52 18.36 -10.96
C SER B 292 25.20 18.43 -11.70
N PRO B 293 24.07 18.29 -11.02
CA PRO B 293 22.80 18.04 -11.71
C PRO B 293 22.16 19.31 -12.29
N GLU B 294 21.34 19.09 -13.31
CA GLU B 294 20.59 20.17 -13.95
C GLU B 294 19.14 20.22 -13.49
N MET B 295 18.55 19.09 -13.11
CA MET B 295 17.23 19.04 -12.49
C MET B 295 17.33 18.20 -11.22
N ILE B 296 16.70 18.69 -10.15
CA ILE B 296 16.65 17.97 -8.88
C ILE B 296 15.19 17.82 -8.45
N LEU B 297 14.79 16.59 -8.17
CA LEU B 297 13.50 16.29 -7.60
C LEU B 297 13.69 15.79 -6.17
N ASN B 298 12.97 16.37 -5.23
CA ASN B 298 13.13 16.07 -3.82
C ASN B 298 11.87 15.41 -3.28
N ASN B 299 12.04 14.23 -2.68
CA ASN B 299 10.93 13.52 -2.07
C ASN B 299 10.91 13.81 -0.57
N GLU B 300 9.73 14.06 -0.02
CA GLU B 300 9.56 14.36 1.39
C GLU B 300 8.66 13.31 2.03
N GLY B 301 9.24 12.49 2.90
CA GLY B 301 8.53 11.50 3.70
C GLY B 301 7.54 10.61 2.98
N ASN B 302 7.77 10.35 1.68
CA ASN B 302 6.93 9.48 0.87
C ASN B 302 5.50 9.99 0.74
N VAL B 303 5.31 11.31 0.90
CA VAL B 303 3.98 11.90 0.73
C VAL B 303 3.99 13.15 -0.14
N HIS B 304 5.16 13.71 -0.46
CA HIS B 304 5.22 14.95 -1.23
C HIS B 304 6.45 14.96 -2.12
N TRP B 305 6.37 15.71 -3.23
CA TRP B 305 7.48 15.94 -4.14
C TRP B 305 7.66 17.45 -4.33
N THR B 306 8.91 17.93 -4.35
CA THR B 306 9.20 19.34 -4.58
C THR B 306 10.44 19.47 -5.46
N SER B 307 10.76 20.72 -5.80
CA SER B 307 11.76 21.06 -6.80
C SER B 307 12.91 21.82 -6.14
N ILE B 308 14.13 21.33 -6.33
CA ILE B 308 15.34 22.02 -5.91
C ILE B 308 16.06 22.53 -7.16
N ILE B 309 16.35 23.82 -7.18
CA ILE B 309 16.92 24.49 -8.35
C ILE B 309 18.42 24.61 -8.17
N PRO B 310 19.24 23.98 -9.01
CA PRO B 310 20.70 24.06 -8.82
C PRO B 310 21.20 25.48 -9.03
N ASP B 311 22.19 25.87 -8.20
CA ASP B 311 22.74 27.22 -8.29
C ASP B 311 23.25 27.54 -9.68
N ALA B 312 23.86 26.54 -10.35
CA ALA B 312 24.38 26.75 -11.70
C ALA B 312 23.28 27.06 -12.70
N ILE B 313 22.03 26.74 -12.37
CA ILE B 313 20.91 26.98 -13.28
C ILE B 313 20.23 28.31 -12.98
N PHE B 314 20.01 28.62 -11.70
CA PHE B 314 19.34 29.86 -11.33
C PHE B 314 20.01 30.48 -10.12
N THR B 315 20.07 31.80 -10.14
CA THR B 315 20.53 32.60 -9.02
C THR B 315 19.70 33.86 -9.05
N SER B 316 19.04 34.15 -7.94
CA SER B 316 18.26 35.36 -7.83
C SER B 316 19.17 36.42 -7.25
N LYS B 317 19.03 37.64 -7.74
CA LYS B 317 19.80 38.76 -7.20
C LYS B 317 18.94 39.71 -6.40
N LEU B 318 17.91 39.17 -5.75
CA LEU B 318 17.22 39.84 -4.66
C LEU B 318 17.72 39.19 -3.38
N THR B 319 17.96 40.02 -2.37
CA THR B 319 18.09 39.50 -1.02
C THR B 319 16.76 38.84 -0.65
N ASP B 320 16.76 37.98 0.36
CA ASP B 320 15.52 37.28 0.67
C ASP B 320 14.54 38.19 1.39
N LYS B 321 15.05 39.26 1.99
CA LYS B 321 14.22 40.34 2.51
C LYS B 321 13.48 41.00 1.37
N GLU B 322 14.13 41.17 0.21
CA GLU B 322 13.49 41.66 -1.00
C GLU B 322 12.52 40.65 -1.63
N GLU B 323 12.89 39.37 -1.67
CA GLU B 323 12.02 38.35 -2.26
C GLU B 323 10.72 38.22 -1.47
N LYS B 324 10.81 38.27 -0.15
CA LYS B 324 9.61 38.20 0.67
C LYS B 324 8.69 39.38 0.40
N LEU B 325 9.26 40.58 0.18
CA LEU B 325 8.44 41.75 -0.10
C LEU B 325 7.69 41.60 -1.43
N LEU B 326 8.36 41.08 -2.48
CA LEU B 326 7.63 40.88 -3.74
C LEU B 326 6.54 39.86 -3.59
N ASP B 327 6.87 38.74 -2.96
CA ASP B 327 5.91 37.66 -2.87
C ASP B 327 4.71 38.11 -2.07
N MET B 328 4.93 38.89 -1.02
CA MET B 328 3.82 39.41 -0.26
C MET B 328 2.98 40.37 -1.08
N LEU B 329 3.61 41.17 -1.95
CA LEU B 329 2.84 42.08 -2.80
C LEU B 329 2.00 41.30 -3.82
N GLU B 330 2.60 40.29 -4.45
CA GLU B 330 1.85 39.48 -5.40
C GLU B 330 0.74 38.70 -4.73
N ARG B 331 0.94 38.32 -3.46
CA ARG B 331 -0.11 37.61 -2.75
C ARG B 331 -1.17 38.55 -2.21
N MET B 332 -0.85 39.82 -1.98
CA MET B 332 -1.90 40.81 -1.85
C MET B 332 -2.70 40.97 -3.15
N GLN B 333 -2.04 40.84 -4.31
CA GLN B 333 -2.68 41.13 -5.59
C GLN B 333 -3.73 40.09 -6.00
N SER B 334 -3.55 38.81 -5.67
CA SER B 334 -4.61 37.85 -6.01
C SER B 334 -5.65 37.74 -4.90
N GLU B 335 -5.28 38.05 -3.66
CA GLU B 335 -6.23 37.97 -2.56
C GLU B 335 -7.17 39.17 -2.54
N TYR B 336 -6.64 40.37 -2.79
CA TYR B 336 -7.42 41.60 -2.73
C TYR B 336 -7.53 42.34 -4.06
N GLY B 337 -6.80 41.91 -5.09
CA GLY B 337 -6.61 42.76 -6.27
C GLY B 337 -7.89 43.24 -6.93
N SER B 338 -8.92 42.38 -6.97
CA SER B 338 -10.14 42.74 -7.71
C SER B 338 -11.00 43.76 -6.97
N LYS B 339 -10.84 43.91 -5.66
CA LYS B 339 -11.66 44.84 -4.91
C LYS B 339 -11.47 46.26 -5.46
N GLU B 340 -12.50 47.09 -5.26
CA GLU B 340 -12.45 48.44 -5.79
C GLU B 340 -11.69 49.39 -4.87
N LEU B 341 -10.99 50.34 -5.49
CA LEU B 341 -10.21 51.37 -4.80
C LEU B 341 -10.31 52.65 -5.65
N GLY B 342 -11.46 53.32 -5.57
CA GLY B 342 -11.64 54.50 -6.42
C GLY B 342 -10.77 55.67 -6.02
N VAL B 343 -9.52 55.64 -6.44
CA VAL B 343 -8.52 56.67 -6.13
C VAL B 343 -7.74 56.99 -7.41
N GLU B 344 -8.11 58.07 -8.10
CA GLU B 344 -7.36 58.58 -9.27
C GLU B 344 -7.29 57.49 -10.33
N LYS B 345 -6.12 57.21 -10.96
CA LYS B 345 -6.11 56.18 -12.01
C LYS B 345 -6.71 54.90 -11.45
N TYR B 346 -6.32 54.59 -10.22
CA TYR B 346 -6.48 53.25 -9.69
C TYR B 346 -7.97 53.03 -9.44
N SER B 347 -8.56 52.14 -10.22
CA SER B 347 -9.91 51.70 -9.91
C SER B 347 -9.87 50.49 -8.99
N SER B 348 -9.10 49.47 -9.36
CA SER B 348 -8.87 48.28 -8.55
C SER B 348 -7.68 48.48 -7.62
N ILE B 349 -7.66 47.70 -6.53
CA ILE B 349 -6.46 47.61 -5.70
C ILE B 349 -5.31 47.00 -6.48
N SER B 350 -5.60 46.19 -7.50
CA SER B 350 -4.52 45.59 -8.28
C SER B 350 -3.80 46.64 -9.13
N ASP B 351 -4.52 47.67 -9.59
CA ASP B 351 -3.88 48.77 -10.30
C ASP B 351 -2.88 49.48 -9.40
N TRP B 352 -3.24 49.65 -8.12
CA TRP B 352 -2.35 50.31 -7.17
C TRP B 352 -1.14 49.45 -6.85
N LEU B 353 -1.36 48.14 -6.62
CA LEU B 353 -0.26 47.26 -6.29
C LEU B 353 0.72 47.14 -7.46
N SER B 354 0.19 47.15 -8.69
CA SER B 354 1.06 47.14 -9.87
C SER B 354 2.05 48.30 -9.83
N ASP B 355 1.58 49.51 -9.53
CA ASP B 355 2.48 50.65 -9.49
C ASP B 355 3.44 50.59 -8.31
N LEU B 356 3.02 50.02 -7.17
CA LEU B 356 3.94 49.82 -6.07
C LEU B 356 5.10 48.92 -6.47
N MET B 357 4.80 47.82 -7.18
CA MET B 357 5.85 46.91 -7.62
C MET B 357 6.82 47.59 -8.57
N LYS B 358 6.32 48.40 -9.50
CA LYS B 358 7.20 49.10 -10.42
C LYS B 358 8.06 50.10 -9.68
N GLN B 359 7.52 50.72 -8.62
CA GLN B 359 8.27 51.71 -7.85
C GLN B 359 9.43 51.09 -7.08
N ILE B 360 9.26 49.85 -6.61
CA ILE B 360 10.36 49.20 -5.91
C ILE B 360 11.48 48.87 -6.89
N GLU B 361 11.14 48.47 -8.11
CA GLU B 361 12.16 48.22 -9.13
C GLU B 361 12.85 49.51 -9.53
N LEU B 362 12.10 50.61 -9.59
CA LEU B 362 12.70 51.91 -9.91
C LEU B 362 13.65 52.37 -8.81
N ILE B 363 13.36 52.02 -7.55
CA ILE B 363 14.28 52.31 -6.46
C ILE B 363 15.56 51.50 -6.62
N LYS B 364 15.43 50.21 -6.92
CA LYS B 364 16.60 49.35 -7.01
C LYS B 364 17.55 49.81 -8.11
N THR B 365 17.01 50.12 -9.28
CA THR B 365 17.84 50.48 -10.43
C THR B 365 18.25 51.94 -10.44
N SER B 366 17.72 52.76 -9.53
CA SER B 366 18.08 54.18 -9.54
C SER B 366 19.56 54.35 -9.21
N PRO B 367 20.27 55.22 -9.92
CA PRO B 367 21.73 55.15 -9.90
C PRO B 367 22.43 55.51 -8.59
N THR B 368 22.14 56.67 -8.00
CA THR B 368 22.86 57.08 -6.81
C THR B 368 21.92 57.19 -5.62
N ALA B 369 22.52 57.40 -4.44
CA ALA B 369 21.74 57.48 -3.21
C ALA B 369 20.79 58.66 -3.21
N VAL B 370 21.15 59.75 -3.90
CA VAL B 370 20.27 60.92 -3.95
C VAL B 370 19.05 60.63 -4.81
N THR B 371 19.24 59.99 -5.96
CA THR B 371 18.09 59.64 -6.79
C THR B 371 17.25 58.54 -6.16
N LYS B 372 17.90 57.61 -5.46
CA LYS B 372 17.17 56.56 -4.76
C LYS B 372 16.25 57.16 -3.69
N GLN B 373 16.71 58.19 -2.99
CA GLN B 373 15.87 58.83 -1.98
C GLN B 373 14.60 59.42 -2.58
N LYS B 374 14.67 59.91 -3.82
CA LYS B 374 13.47 60.50 -4.42
C LYS B 374 12.52 59.42 -4.94
N GLU B 375 13.06 58.27 -5.37
CA GLU B 375 12.18 57.15 -5.69
C GLU B 375 11.57 56.55 -4.42
N ILE B 376 12.31 56.57 -3.31
CA ILE B 376 11.74 56.16 -2.03
C ILE B 376 10.62 57.11 -1.62
N GLU B 377 10.83 58.40 -1.82
CA GLU B 377 9.77 59.39 -1.51
C GLU B 377 8.52 59.12 -2.33
N LEU B 378 8.68 58.84 -3.62
CA LEU B 378 7.52 58.53 -4.46
C LEU B 378 6.81 57.27 -3.98
N PHE B 379 7.58 56.29 -3.48
CA PHE B 379 6.96 55.09 -2.92
C PHE B 379 6.07 55.43 -1.74
N PHE B 380 6.53 56.33 -0.88
CA PHE B 380 5.70 56.76 0.25
C PHE B 380 4.47 57.50 -0.22
N GLN B 381 4.56 58.26 -1.33
CA GLN B 381 3.37 58.98 -1.77
C GLN B 381 2.36 58.04 -2.43
N LEU B 382 2.83 56.93 -3.00
CA LEU B 382 1.90 55.91 -3.45
C LEU B 382 1.14 55.31 -2.27
N LEU B 383 1.85 55.02 -1.17
CA LEU B 383 1.17 54.54 0.03
C LEU B 383 0.19 55.58 0.57
N ALA B 384 0.57 56.87 0.52
CA ALA B 384 -0.31 57.91 1.04
C ALA B 384 -1.61 58.01 0.27
N LYS B 385 -1.57 57.74 -1.04
CA LYS B 385 -2.75 57.92 -1.88
C LYS B 385 -3.82 56.88 -1.59
N ALA B 386 -3.44 55.69 -1.14
CA ALA B 386 -4.40 54.61 -0.93
C ALA B 386 -4.72 54.35 0.54
N THR B 387 -4.14 55.10 1.46
CA THR B 387 -4.27 54.75 2.87
C THR B 387 -5.65 54.97 3.47
N PRO B 388 -6.36 56.07 3.16
CA PRO B 388 -7.72 56.23 3.73
C PRO B 388 -8.64 55.04 3.52
N LYS B 389 -8.74 54.52 2.30
CA LYS B 389 -9.69 53.45 2.03
C LYS B 389 -9.16 52.07 2.42
N LEU B 390 -7.85 51.87 2.46
CA LEU B 390 -7.29 50.59 2.85
C LEU B 390 -7.05 50.49 4.36
N ALA B 391 -7.29 51.57 5.11
CA ALA B 391 -7.40 51.53 6.55
C ALA B 391 -8.85 51.53 6.99
N SER B 392 -9.78 51.63 6.03
CA SER B 392 -11.21 51.52 6.23
C SER B 392 -11.71 50.09 6.27
N GLU B 393 -10.81 49.11 6.46
CA GLU B 393 -11.17 47.72 6.52
C GLU B 393 -10.12 47.03 7.39
N PRO B 394 -10.54 46.25 8.39
CA PRO B 394 -9.55 45.57 9.25
C PRO B 394 -8.50 44.76 8.50
N ALA B 395 -8.94 43.85 7.63
CA ALA B 395 -7.99 42.95 6.98
C ALA B 395 -7.02 43.72 6.08
N LEU B 396 -7.49 44.79 5.44
CA LEU B 396 -6.64 45.55 4.55
C LEU B 396 -5.76 46.53 5.31
N ARG B 397 -6.23 47.00 6.46
CA ARG B 397 -5.38 47.77 7.36
C ARG B 397 -4.17 46.96 7.81
N MET B 398 -4.41 45.70 8.19
CA MET B 398 -3.30 44.85 8.63
C MET B 398 -2.35 44.55 7.47
N SER B 399 -2.89 44.34 6.26
CA SER B 399 -2.02 44.10 5.11
C SER B 399 -1.19 45.33 4.77
N LEU B 400 -1.78 46.52 4.90
CA LEU B 400 -1.02 47.73 4.67
C LEU B 400 0.08 47.89 5.72
N GLY B 401 -0.22 47.51 6.96
CA GLY B 401 0.80 47.52 7.99
C GLY B 401 1.90 46.51 7.74
N THR B 402 1.53 45.29 7.35
CA THR B 402 2.53 44.26 7.10
C THR B 402 3.38 44.61 5.88
N LEU B 403 2.75 45.16 4.84
CA LEU B 403 3.49 45.67 3.69
C LEU B 403 4.54 46.69 4.11
N PHE B 404 4.15 47.63 4.97
CA PHE B 404 5.06 48.70 5.37
C PHE B 404 6.27 48.14 6.12
N SER B 405 6.05 47.16 6.99
CA SER B 405 7.16 46.58 7.74
C SER B 405 8.11 45.78 6.86
N ASN B 406 7.56 45.02 5.90
CA ASN B 406 8.40 44.34 4.93
C ASN B 406 9.28 45.32 4.16
N PHE B 407 8.69 46.43 3.72
CA PHE B 407 9.43 47.44 2.98
C PHE B 407 10.60 47.99 3.80
N LEU B 408 10.34 48.30 5.08
CA LEU B 408 11.39 48.84 5.94
C LEU B 408 12.56 47.88 6.10
N GLU B 409 12.29 46.58 6.07
CA GLU B 409 13.36 45.60 6.25
C GLU B 409 14.26 45.47 5.02
N CYS B 410 13.80 45.86 3.83
CA CYS B 410 14.68 45.83 2.67
C CYS B 410 15.26 47.20 2.34
N ILE B 411 15.07 48.19 3.21
CA ILE B 411 15.68 49.50 2.97
C ILE B 411 17.20 49.40 2.94
N PRO B 412 17.87 48.70 3.86
CA PRO B 412 19.33 48.51 3.69
C PRO B 412 19.70 47.89 2.35
N ALA B 413 18.92 46.92 1.87
CA ALA B 413 19.20 46.33 0.56
C ALA B 413 18.86 47.31 -0.55
N LEU B 414 17.77 48.06 -0.40
CA LEU B 414 17.34 48.98 -1.45
C LEU B 414 18.29 50.15 -1.62
N MET B 415 19.02 50.53 -0.57
CA MET B 415 19.83 51.74 -0.63
C MET B 415 21.16 51.55 -1.36
N VAL B 416 21.61 50.31 -1.52
CA VAL B 416 22.85 50.03 -2.25
C VAL B 416 22.72 50.43 -3.72
N MET C 1 -2.42 2.60 38.03
CA MET C 1 -3.14 3.21 36.96
C MET C 1 -3.33 2.20 35.86
N GLN C 2 -4.47 2.25 35.26
CA GLN C 2 -4.80 1.37 34.20
C GLN C 2 -4.51 1.86 32.84
N ILE C 3 -4.11 0.94 32.00
CA ILE C 3 -3.98 1.17 30.57
C ILE C 3 -4.49 -0.08 29.87
N PHE C 4 -4.91 0.07 28.62
CA PHE C 4 -5.51 -0.99 27.84
C PHE C 4 -4.69 -1.25 26.59
N VAL C 5 -4.77 -2.47 26.09
CA VAL C 5 -4.13 -2.83 24.82
C VAL C 5 -5.03 -3.81 24.08
N LYS C 6 -5.23 -3.56 22.79
CA LYS C 6 -5.97 -4.47 21.93
C LYS C 6 -5.06 -5.61 21.50
N THR C 7 -5.50 -6.84 21.71
CA THR C 7 -4.66 -8.01 21.48
C THR C 7 -4.64 -8.39 20.00
N LEU C 8 -3.87 -9.43 19.69
CA LEU C 8 -3.93 -10.11 18.41
C LEU C 8 -4.90 -11.28 18.44
N THR C 9 -5.81 -11.31 19.42
CA THR C 9 -6.78 -12.38 19.61
C THR C 9 -8.21 -11.84 19.62
N GLY C 10 -8.42 -10.65 19.05
CA GLY C 10 -9.76 -10.08 18.99
C GLY C 10 -10.36 -9.68 20.32
N LYS C 11 -9.53 -9.25 21.28
CA LYS C 11 -10.01 -8.86 22.60
C LYS C 11 -9.28 -7.61 23.08
N THR C 12 -9.61 -7.19 24.29
CA THR C 12 -8.95 -6.09 24.99
C THR C 12 -8.55 -6.58 26.36
N ILE C 13 -7.30 -6.34 26.76
CA ILE C 13 -6.83 -6.66 28.09
C ILE C 13 -6.45 -5.36 28.81
N THR C 14 -6.31 -5.45 30.13
CA THR C 14 -5.93 -4.33 30.97
C THR C 14 -4.60 -4.63 31.66
N LEU C 15 -3.82 -3.57 31.89
CA LEU C 15 -2.55 -3.64 32.58
C LEU C 15 -2.54 -2.65 33.73
N GLU C 16 -1.85 -3.02 34.81
CA GLU C 16 -1.57 -2.10 35.90
C GLU C 16 -0.14 -1.62 35.77
N VAL C 17 0.04 -0.31 35.66
CA VAL C 17 1.34 0.30 35.37
C VAL C 17 1.46 1.58 36.18
N GLU C 18 2.65 2.16 36.16
CA GLU C 18 2.89 3.48 36.71
C GLU C 18 3.43 4.38 35.61
N PRO C 19 3.22 5.70 35.71
CA PRO C 19 3.78 6.61 34.71
C PRO C 19 5.28 6.43 34.49
N SER C 20 6.00 5.93 35.49
CA SER C 20 7.44 5.72 35.40
C SER C 20 7.84 4.40 34.75
N ASP C 21 6.88 3.50 34.51
CA ASP C 21 7.21 2.22 33.88
C ASP C 21 7.80 2.44 32.49
N THR C 22 8.83 1.66 32.15
CA THR C 22 9.38 1.72 30.81
C THR C 22 8.50 0.95 29.85
N ILE C 23 8.64 1.25 28.56
CA ILE C 23 7.93 0.47 27.54
C ILE C 23 8.31 -1.00 27.65
N GLU C 24 9.56 -1.28 28.00
CA GLU C 24 10.00 -2.67 28.19
C GLU C 24 9.15 -3.39 29.23
N ASN C 25 8.90 -2.73 30.37
CA ASN C 25 8.06 -3.36 31.40
C ASN C 25 6.62 -3.52 30.91
N VAL C 26 6.12 -2.56 30.12
CA VAL C 26 4.78 -2.72 29.56
C VAL C 26 4.73 -3.96 28.69
N LYS C 27 5.76 -4.17 27.86
CA LYS C 27 5.81 -5.35 27.00
C LYS C 27 5.92 -6.62 27.84
N ALA C 28 6.67 -6.56 28.94
CA ALA C 28 6.74 -7.71 29.84
C ALA C 28 5.36 -8.04 30.42
N LYS C 29 4.60 -7.00 30.80
CA LYS C 29 3.25 -7.23 31.29
C LYS C 29 2.34 -7.75 30.18
N ILE C 30 2.53 -7.29 28.94
CA ILE C 30 1.76 -7.83 27.83
C ILE C 30 2.12 -9.28 27.59
N GLN C 31 3.42 -9.60 27.62
CA GLN C 31 3.85 -10.99 27.55
C GLN C 31 3.22 -11.81 28.67
N ASP C 32 3.02 -11.19 29.83
CA ASP C 32 2.39 -11.85 30.94
C ASP C 32 0.87 -11.89 30.87
N LYS C 33 0.22 -11.28 29.86
CA LYS C 33 -1.20 -11.56 29.71
C LYS C 33 -1.45 -12.34 28.43
N GLU C 34 -0.86 -11.89 27.32
CA GLU C 34 -0.80 -12.67 26.09
C GLU C 34 0.38 -13.64 26.19
N GLY C 35 0.88 -14.15 25.06
CA GLY C 35 2.05 -15.00 25.11
C GLY C 35 3.28 -14.39 24.47
N ILE C 36 3.07 -13.33 23.68
CA ILE C 36 4.08 -12.79 22.77
C ILE C 36 5.34 -12.37 23.53
N PRO C 37 6.52 -12.84 23.14
CA PRO C 37 7.74 -12.25 23.68
C PRO C 37 7.85 -10.81 23.30
N PRO C 38 8.53 -9.99 24.12
CA PRO C 38 8.65 -8.55 23.82
C PRO C 38 9.21 -8.25 22.44
N ASP C 39 10.26 -8.95 21.99
CA ASP C 39 10.87 -8.61 20.71
C ASP C 39 10.01 -9.00 19.51
N GLN C 40 8.85 -9.62 19.74
CA GLN C 40 7.88 -9.89 18.68
C GLN C 40 6.70 -8.92 18.71
N GLN C 41 6.62 -8.04 19.72
CA GLN C 41 5.52 -7.12 19.85
C GLN C 41 5.77 -5.86 19.03
N ARG C 42 4.80 -5.53 18.18
CA ARG C 42 4.77 -4.24 17.46
C ARG C 42 3.69 -3.40 18.14
N LEU C 43 4.12 -2.53 19.04
CA LEU C 43 3.22 -1.80 19.93
C LEU C 43 2.99 -0.39 19.41
N ILE C 44 1.73 0.01 19.38
CA ILE C 44 1.30 1.22 18.70
C ILE C 44 0.49 2.09 19.66
N PHE C 45 0.69 3.41 19.58
CA PHE C 45 -0.15 4.40 20.25
C PHE C 45 0.09 5.80 19.73
N ALA C 46 -0.97 6.42 19.18
CA ALA C 46 -0.98 7.84 18.82
C ALA C 46 0.31 8.27 18.13
N GLY C 47 0.73 7.47 17.15
CA GLY C 47 1.86 7.83 16.31
C GLY C 47 3.20 7.96 17.00
N LYS C 48 3.34 7.43 18.20
CA LYS C 48 4.56 7.60 18.98
C LYS C 48 5.49 6.41 18.81
N GLN C 49 6.79 6.70 18.69
CA GLN C 49 7.83 5.68 18.59
C GLN C 49 8.20 5.25 20.00
N LEU C 50 7.51 4.22 20.49
CA LEU C 50 7.66 3.79 21.87
C LEU C 50 8.97 3.04 22.06
N GLU C 51 10.03 3.77 22.36
CA GLU C 51 11.34 3.15 22.57
C GLU C 51 11.36 2.38 23.89
N ASP C 52 11.96 1.18 23.84
CA ASP C 52 11.95 0.29 24.99
C ASP C 52 12.47 0.96 26.26
N GLY C 53 13.44 1.88 26.12
CA GLY C 53 14.08 2.47 27.27
C GLY C 53 13.42 3.69 27.84
N ARG C 54 12.49 4.30 27.11
CA ARG C 54 11.76 5.45 27.62
C ARG C 54 10.42 5.01 28.20
N THR C 55 9.74 5.95 28.85
CA THR C 55 8.67 5.61 29.76
C THR C 55 7.32 6.13 29.28
N LEU C 56 6.27 5.61 29.93
CA LEU C 56 4.91 6.05 29.63
C LEU C 56 4.77 7.56 29.79
N SER C 57 5.39 8.12 30.83
CA SER C 57 5.31 9.56 31.06
C SER C 57 6.13 10.35 30.06
N ASP C 58 7.19 9.75 29.50
CA ASP C 58 7.94 10.41 28.43
C ASP C 58 7.06 10.61 27.21
N TYR C 59 6.13 9.70 26.97
CA TYR C 59 5.27 9.73 25.80
C TYR C 59 3.90 10.34 26.10
N ASN C 60 3.72 10.95 27.27
CA ASN C 60 2.46 11.62 27.62
C ASN C 60 1.30 10.63 27.55
N ILE C 61 1.55 9.39 27.95
CA ILE C 61 0.53 8.35 27.97
C ILE C 61 -0.12 8.36 29.36
N GLN C 62 -1.39 8.77 29.41
CA GLN C 62 -2.09 8.93 30.67
C GLN C 62 -2.92 7.69 30.98
N LYS C 63 -3.68 7.77 32.08
CA LYS C 63 -4.49 6.64 32.53
C LYS C 63 -5.58 6.31 31.52
N GLU C 64 -5.80 5.01 31.32
CA GLU C 64 -6.87 4.46 30.48
C GLU C 64 -6.61 4.68 29.00
N SER C 65 -5.35 4.92 28.60
CA SER C 65 -5.02 4.94 27.20
C SER C 65 -5.03 3.52 26.64
N THR C 66 -5.34 3.40 25.35
CA THR C 66 -5.37 2.10 24.69
C THR C 66 -4.24 2.01 23.68
N LEU C 67 -3.33 1.05 23.88
CA LEU C 67 -2.32 0.75 22.88
C LEU C 67 -2.82 -0.38 21.99
N HIS C 68 -2.08 -0.65 20.91
CA HIS C 68 -2.48 -1.68 19.96
C HIS C 68 -1.29 -2.51 19.54
N LEU C 69 -1.46 -3.83 19.61
CA LEU C 69 -0.55 -4.75 18.95
C LEU C 69 -0.98 -4.91 17.49
N VAL C 70 -0.02 -4.83 16.58
CA VAL C 70 -0.29 -4.94 15.15
C VAL C 70 0.59 -6.02 14.54
N LEU C 71 0.05 -6.67 13.51
CA LEU C 71 0.84 -7.50 12.62
C LEU C 71 0.94 -6.93 11.22
N ARG C 72 0.07 -6.00 10.87
CA ARG C 72 0.01 -5.38 9.55
C ARG C 72 -0.04 -6.46 8.47
N LEU C 73 -1.07 -7.29 8.57
CA LEU C 73 -1.33 -8.36 7.62
C LEU C 73 -2.54 -8.02 6.77
N ARG C 74 -2.48 -8.45 5.52
CA ARG C 74 -3.41 -8.03 4.49
C ARG C 74 -3.77 -9.25 3.66
N GLY C 75 -4.77 -9.14 2.84
CA GLY C 75 -5.18 -10.24 2.04
C GLY C 75 -6.34 -9.97 1.13
N MET D 1 29.27 -10.45 -22.49
CA MET D 1 27.91 -10.10 -22.77
C MET D 1 27.56 -8.76 -22.23
N GLN D 2 26.58 -8.14 -22.85
CA GLN D 2 26.10 -6.87 -22.41
C GLN D 2 24.99 -7.06 -21.50
N ILE D 3 24.92 -6.13 -20.61
CA ILE D 3 23.80 -6.02 -19.68
C ILE D 3 23.43 -4.56 -19.52
N PHE D 4 22.14 -4.30 -19.25
CA PHE D 4 21.63 -2.95 -19.09
C PHE D 4 20.99 -2.81 -17.71
N VAL D 5 21.02 -1.58 -17.18
CA VAL D 5 20.33 -1.26 -15.94
C VAL D 5 19.82 0.18 -16.01
N LYS D 6 18.57 0.37 -15.58
CA LYS D 6 17.98 1.70 -15.50
C LYS D 6 18.46 2.41 -14.24
N THR D 7 19.00 3.63 -14.41
CA THR D 7 19.62 4.34 -13.31
C THR D 7 18.56 5.06 -12.47
N LEU D 8 19.02 5.72 -11.42
CA LEU D 8 18.21 6.65 -10.64
C LEU D 8 18.34 8.08 -11.13
N THR D 9 18.81 8.26 -12.37
CA THR D 9 19.01 9.58 -12.96
C THR D 9 18.23 9.73 -14.26
N GLY D 10 17.22 8.90 -14.46
CA GLY D 10 16.43 8.95 -15.68
C GLY D 10 17.15 8.49 -16.94
N LYS D 11 18.08 7.54 -16.83
CA LYS D 11 18.84 7.08 -17.97
C LYS D 11 18.99 5.56 -17.92
N THR D 12 19.68 5.03 -18.92
CA THR D 12 20.04 3.61 -19.00
C THR D 12 21.53 3.51 -19.29
N ILE D 13 22.24 2.69 -18.50
CA ILE D 13 23.65 2.43 -18.74
C ILE D 13 23.82 0.97 -19.15
N THR D 14 24.99 0.67 -19.72
CA THR D 14 25.34 -0.67 -20.14
C THR D 14 26.55 -1.16 -19.37
N LEU D 15 26.59 -2.47 -19.11
CA LEU D 15 27.71 -3.10 -18.44
C LEU D 15 28.19 -4.27 -19.29
N GLU D 16 29.50 -4.50 -19.24
CA GLU D 16 30.10 -5.69 -19.82
C GLU D 16 30.36 -6.68 -18.69
N VAL D 17 29.79 -7.87 -18.81
CA VAL D 17 29.84 -8.88 -17.76
C VAL D 17 30.00 -10.25 -18.42
N GLU D 18 30.24 -11.25 -17.58
CA GLU D 18 30.22 -12.64 -17.98
C GLU D 18 29.19 -13.38 -17.14
N PRO D 19 28.62 -14.47 -17.65
CA PRO D 19 27.64 -15.24 -16.86
C PRO D 19 28.12 -15.63 -15.47
N SER D 20 29.44 -15.76 -15.28
CA SER D 20 29.97 -16.17 -13.98
C SER D 20 30.08 -15.01 -13.00
N ASP D 21 29.91 -13.77 -13.46
CA ASP D 21 30.00 -12.63 -12.57
C ASP D 21 28.91 -12.69 -11.51
N THR D 22 29.29 -12.39 -10.28
CA THR D 22 28.33 -12.34 -9.17
C THR D 22 27.59 -11.02 -9.16
N ILE D 23 26.45 -11.01 -8.48
CA ILE D 23 25.70 -9.78 -8.28
C ILE D 23 26.59 -8.74 -7.59
N GLU D 24 27.43 -9.20 -6.67
CA GLU D 24 28.38 -8.29 -6.02
C GLU D 24 29.27 -7.61 -7.06
N ASN D 25 29.77 -8.37 -8.03
CA ASN D 25 30.60 -7.76 -9.08
C ASN D 25 29.82 -6.76 -9.90
N VAL D 26 28.56 -7.10 -10.23
CA VAL D 26 27.72 -6.18 -11.00
C VAL D 26 27.51 -4.88 -10.24
N LYS D 27 27.27 -4.97 -8.92
CA LYS D 27 27.05 -3.77 -8.13
C LYS D 27 28.30 -2.89 -8.11
N ALA D 28 29.48 -3.50 -8.04
CA ALA D 28 30.73 -2.74 -8.13
C ALA D 28 30.84 -2.04 -9.47
N LYS D 29 30.45 -2.72 -10.55
CA LYS D 29 30.46 -2.10 -11.87
C LYS D 29 29.48 -0.94 -11.94
N ILE D 30 28.34 -1.06 -11.25
CA ILE D 30 27.37 0.02 -11.18
C ILE D 30 27.94 1.20 -10.40
N GLN D 31 28.63 0.92 -9.28
CA GLN D 31 29.35 1.97 -8.56
C GLN D 31 30.37 2.68 -9.46
N ASP D 32 30.92 1.99 -10.46
CA ASP D 32 31.94 2.62 -11.29
C ASP D 32 31.32 3.70 -12.18
N LYS D 33 30.21 3.37 -12.84
CA LYS D 33 29.59 4.29 -13.77
C LYS D 33 28.65 5.27 -13.07
N GLU D 34 27.77 4.78 -12.22
CA GLU D 34 27.00 5.71 -11.38
C GLU D 34 27.85 6.09 -10.17
N GLY D 35 27.22 6.59 -9.11
CA GLY D 35 27.98 6.89 -7.91
C GLY D 35 27.68 5.96 -6.77
N ILE D 36 26.57 5.23 -6.88
CA ILE D 36 25.97 4.49 -5.78
C ILE D 36 26.97 3.49 -5.22
N PRO D 37 27.29 3.53 -3.93
CA PRO D 37 28.00 2.42 -3.32
C PRO D 37 27.10 1.16 -3.33
N PRO D 38 27.72 -0.02 -3.37
CA PRO D 38 26.92 -1.25 -3.43
C PRO D 38 25.85 -1.38 -2.35
N ASP D 39 26.15 -1.03 -1.09
CA ASP D 39 25.18 -1.23 -0.03
C ASP D 39 23.99 -0.28 -0.09
N GLN D 40 23.98 0.65 -1.04
CA GLN D 40 22.83 1.51 -1.27
C GLN D 40 22.04 1.12 -2.52
N GLN D 41 22.51 0.14 -3.27
CA GLN D 41 21.83 -0.26 -4.50
C GLN D 41 20.71 -1.24 -4.14
N ARG D 42 19.48 -0.91 -4.54
CA ARG D 42 18.35 -1.81 -4.46
C ARG D 42 18.08 -2.27 -5.89
N LEU D 43 18.63 -3.43 -6.24
CA LEU D 43 18.66 -3.93 -7.60
C LEU D 43 17.64 -5.06 -7.79
N ILE D 44 16.81 -4.94 -8.83
CA ILE D 44 15.70 -5.85 -9.06
C ILE D 44 15.71 -6.32 -10.50
N PHE D 45 15.27 -7.57 -10.71
CA PHE D 45 15.07 -8.11 -12.06
C PHE D 45 14.17 -9.33 -11.98
N ALA D 46 13.05 -9.30 -12.69
CA ALA D 46 12.15 -10.44 -12.87
C ALA D 46 11.89 -11.19 -11.57
N GLY D 47 11.58 -10.43 -10.52
CA GLY D 47 11.16 -11.03 -9.27
C GLY D 47 12.22 -11.85 -8.58
N LYS D 48 13.49 -11.70 -8.95
CA LYS D 48 14.55 -12.52 -8.39
C LYS D 48 15.23 -11.77 -7.24
N GLN D 49 15.53 -12.49 -6.17
CA GLN D 49 16.23 -11.94 -5.01
C GLN D 49 17.72 -12.03 -5.30
N LEU D 50 18.25 -10.97 -5.91
CA LEU D 50 19.64 -11.01 -6.38
C LEU D 50 20.61 -10.95 -5.21
N GLU D 51 20.94 -12.11 -4.65
CA GLU D 51 21.88 -12.19 -3.55
C GLU D 51 23.28 -11.89 -4.06
N ASP D 52 24.03 -11.10 -3.27
CA ASP D 52 25.34 -10.64 -3.70
C ASP D 52 26.27 -11.77 -4.12
N GLY D 53 26.15 -12.93 -3.48
CA GLY D 53 27.08 -14.03 -3.66
C GLY D 53 26.79 -14.98 -4.79
N ARG D 54 25.61 -14.92 -5.38
CA ARG D 54 25.26 -15.76 -6.51
C ARG D 54 25.48 -15.00 -7.82
N THR D 55 25.35 -15.71 -8.94
CA THR D 55 25.85 -15.25 -10.22
C THR D 55 24.70 -14.99 -11.19
N LEU D 56 25.04 -14.27 -12.26
CA LEU D 56 24.09 -14.02 -13.34
C LEU D 56 23.54 -15.31 -13.90
N SER D 57 24.39 -16.32 -14.10
CA SER D 57 23.93 -17.59 -14.65
C SER D 57 23.10 -18.37 -13.63
N ASP D 58 23.34 -18.13 -12.34
CA ASP D 58 22.50 -18.74 -11.30
C ASP D 58 21.06 -18.26 -11.41
N TYR D 59 20.86 -17.02 -11.82
CA TYR D 59 19.53 -16.43 -11.89
C TYR D 59 18.94 -16.45 -13.29
N ASN D 60 19.60 -17.15 -14.23
CA ASN D 60 19.12 -17.27 -15.61
C ASN D 60 18.96 -15.88 -16.24
N ILE D 61 19.90 -15.00 -15.92
CA ILE D 61 19.92 -13.66 -16.49
C ILE D 61 20.73 -13.74 -17.78
N GLN D 62 20.05 -13.61 -18.90
CA GLN D 62 20.62 -13.87 -20.20
C GLN D 62 21.11 -12.58 -20.86
N LYS D 63 21.48 -12.72 -22.13
CA LYS D 63 22.07 -11.64 -22.90
C LYS D 63 21.09 -10.47 -22.99
N GLU D 64 21.60 -9.26 -22.70
CA GLU D 64 20.88 -8.01 -22.88
C GLU D 64 19.69 -7.83 -21.94
N SER D 65 19.71 -8.48 -20.77
CA SER D 65 18.66 -8.25 -19.78
C SER D 65 18.82 -6.87 -19.16
N THR D 66 17.70 -6.30 -18.70
CA THR D 66 17.67 -4.99 -18.06
C THR D 66 17.35 -5.16 -16.58
N LEU D 67 18.28 -4.76 -15.72
CA LEU D 67 18.02 -4.67 -14.30
C LEU D 67 17.57 -3.26 -13.94
N HIS D 68 17.10 -3.08 -12.71
CA HIS D 68 16.56 -1.80 -12.28
C HIS D 68 17.05 -1.47 -10.88
N LEU D 69 17.56 -0.25 -10.71
CA LEU D 69 17.76 0.33 -9.38
C LEU D 69 16.46 1.00 -8.92
N VAL D 70 16.06 0.77 -7.67
CA VAL D 70 14.82 1.33 -7.15
C VAL D 70 15.09 2.09 -5.85
N LEU D 71 14.30 3.15 -5.64
CA LEU D 71 14.23 3.82 -4.35
C LEU D 71 12.86 3.69 -3.69
N ARG D 72 11.82 3.33 -4.44
CA ARG D 72 10.46 3.16 -3.93
C ARG D 72 10.00 4.40 -3.17
N LEU D 73 9.99 5.53 -3.89
CA LEU D 73 9.55 6.81 -3.36
C LEU D 73 8.24 7.23 -4.01
N ARG D 74 7.42 7.92 -3.22
CA ARG D 74 6.06 8.24 -3.60
C ARG D 74 5.73 9.65 -3.11
N GLY D 75 4.65 10.21 -3.64
CA GLY D 75 4.24 11.56 -3.26
C GLY D 75 2.87 11.97 -3.75
C2 AYE E . -8.30 -11.73 -0.52
C3 AYE E . -9.16 -10.93 -0.99
C1 AYE E . -7.02 -11.54 -1.21
N1 AYE E . -5.97 -11.03 -0.41
C2 AYE F . 2.10 14.54 -3.96
C3 AYE F . 1.89 16.02 -3.63
C1 AYE F . 1.54 13.54 -2.93
N1 AYE F . 2.42 12.39 -2.83
#